data_5RMD
#
_entry.id   5RMD
#
_cell.length_a   59.479
_cell.length_b   70.417
_cell.length_c   85.584
_cell.angle_alpha   102.710
_cell.angle_beta   95.940
_cell.angle_gamma   112.610
#
_symmetry.space_group_name_H-M   'P 1'
#
loop_
_entity.id
_entity.type
_entity.pdbx_description
1 polymer Helicase
2 non-polymer N-ethyl-4-[(methylsulfonyl)amino]benzamide
3 non-polymer 'ZINC ION'
4 non-polymer 'PHOSPHATE ION'
5 water water
#
_entity_poly.entity_id   1
_entity_poly.type   'polypeptide(L)'
_entity_poly.pdbx_seq_one_letter_code
;AVGACVLCNSQTSLRCGACIRRPFLCCKCCYDHVISTSHKLVLSVNPYVCNAPGCDVTDVTQLYLGGMSYYCKSHKPPIS
FPLCANGQVFGLYKNTCVGSDNVTDFNAIATCDWTNAGDYILANTCTERLKLFAAETLKATEETFKLSYGIATVREVLSD
RELHLSWEVGKPRPPLNRNYVFTGYRVTKNSKVQIGEYTFEKGDYGDAVVYRGTTTYKLNVGDYFVLTSHTVMPLSAPTL
VPQEHYVRITGLYPTLNISDEFSSNVANYQKVGMQKYSTLQGPPGTGKSHFAIGLALYYPSARIVYTACSHAAVDALCEK
ALKYLPIDKCSRIIPARARVECFDKFKVNSTLEQYVFCTVNALPETTADIVVFDEISMATNYDLSVVNARLRAKHYVYIG
DPAQLPAPRTLLTKGTLEPEYFNSVCRLMKTIGPDMFLGTCRRCPAEIVDTVSALVYDNKLKAHKDKSAQCFKMFYKGVI
THDVSSAINRPQIGVVREFLTRNPAWRKAVFISPYNSQNAVASKILGLPTQTVDSSQGSEYDYVIFTQTTETAHSCNVNR
FNVAITRAKVGILCIMSDRDLYDKLQFTSLEIPRRNVATLQ
;
_entity_poly.pdbx_strand_id   A,B
#
# COMPACT_ATOMS: atom_id res chain seq x y z
N ALA A 1 4.52 -23.53 11.05
CA ALA A 1 5.09 -24.92 10.83
C ALA A 1 3.98 -25.98 10.75
N VAL A 2 2.76 -25.67 11.23
CA VAL A 2 1.56 -26.56 11.22
C VAL A 2 0.40 -25.86 10.48
N GLY A 3 -0.03 -26.46 9.35
CA GLY A 3 -1.08 -25.94 8.45
C GLY A 3 -1.85 -27.07 7.79
N ALA A 4 -2.41 -26.81 6.60
CA ALA A 4 -3.34 -27.68 5.86
C ALA A 4 -2.69 -28.13 4.55
N CYS A 5 -2.93 -29.38 4.15
CA CYS A 5 -2.38 -30.02 2.92
C CYS A 5 -2.91 -29.28 1.68
N VAL A 6 -2.02 -28.93 0.74
CA VAL A 6 -2.42 -28.15 -0.47
C VAL A 6 -3.26 -29.04 -1.40
N LEU A 7 -3.12 -30.36 -1.31
CA LEU A 7 -3.88 -31.28 -2.22
C LEU A 7 -5.28 -31.59 -1.65
N CYS A 8 -5.37 -32.01 -0.38
CA CYS A 8 -6.61 -32.60 0.21
C CYS A 8 -7.09 -31.81 1.44
N ASN A 9 -6.34 -30.78 1.88
CA ASN A 9 -6.79 -29.84 2.95
C ASN A 9 -6.56 -30.46 4.35
N SER A 10 -6.30 -31.78 4.46
CA SER A 10 -5.97 -32.47 5.74
C SER A 10 -4.93 -31.67 6.52
N GLN A 11 -5.03 -31.68 7.85
CA GLN A 11 -4.02 -31.06 8.75
C GLN A 11 -2.72 -31.88 8.71
N THR A 12 -1.57 -31.23 8.85
CA THR A 12 -0.24 -31.87 9.05
C THR A 12 0.78 -30.83 9.50
N SER A 13 1.95 -31.33 9.91
CA SER A 13 3.15 -30.53 10.28
C SER A 13 4.20 -30.64 9.16
N LEU A 14 3.87 -31.31 8.04
CA LEU A 14 4.83 -31.61 6.95
C LEU A 14 4.75 -30.53 5.87
N ARG A 15 5.89 -29.92 5.55
CA ARG A 15 6.12 -29.09 4.35
C ARG A 15 7.21 -29.77 3.51
N CYS A 16 7.08 -29.82 2.19
CA CYS A 16 8.17 -30.22 1.27
C CYS A 16 9.26 -29.15 1.26
N GLY A 17 10.48 -29.52 1.63
CA GLY A 17 11.63 -28.61 1.69
C GLY A 17 12.28 -28.48 0.33
N ALA A 18 11.83 -29.29 -0.64
CA ALA A 18 12.44 -29.35 -1.99
C ALA A 18 11.64 -28.43 -2.91
N CYS A 19 10.30 -28.50 -2.88
CA CYS A 19 9.42 -27.47 -3.52
C CYS A 19 9.86 -26.03 -3.17
N ILE A 20 10.01 -25.17 -4.17
CA ILE A 20 10.46 -23.75 -4.01
C ILE A 20 9.48 -22.97 -3.10
N ARG A 21 8.22 -23.40 -2.98
CA ARG A 21 7.21 -22.66 -2.17
C ARG A 21 6.95 -23.36 -0.82
N ARG A 22 7.58 -24.51 -0.56
CA ARG A 22 7.44 -25.28 0.72
C ARG A 22 5.99 -25.48 1.11
N PRO A 23 5.20 -26.25 0.30
CA PRO A 23 3.80 -26.46 0.58
C PRO A 23 3.46 -27.54 1.60
N PHE A 24 2.51 -27.24 2.47
CA PHE A 24 1.96 -28.20 3.46
C PHE A 24 1.51 -29.44 2.70
N LEU A 25 1.92 -30.62 3.15
CA LEU A 25 1.49 -31.93 2.62
C LEU A 25 1.07 -32.82 3.80
N CYS A 26 -0.11 -33.45 3.73
CA CYS A 26 -0.56 -34.49 4.69
C CYS A 26 0.33 -35.73 4.49
N CYS A 27 0.35 -36.62 5.48
CA CYS A 27 1.17 -37.86 5.52
C CYS A 27 0.99 -38.67 4.24
N LYS A 28 -0.26 -38.90 3.81
CA LYS A 28 -0.59 -39.74 2.61
C LYS A 28 -0.08 -39.03 1.34
N CYS A 29 -0.30 -37.71 1.23
CA CYS A 29 0.12 -36.85 0.07
C CYS A 29 1.65 -36.63 0.09
N CYS A 30 2.23 -36.33 1.25
CA CYS A 30 3.70 -36.13 1.40
C CYS A 30 4.48 -37.36 0.95
N TYR A 31 4.01 -38.54 1.31
CA TYR A 31 4.62 -39.82 0.88
C TYR A 31 4.62 -39.84 -0.66
N ASP A 32 3.41 -39.79 -1.25
CA ASP A 32 3.15 -39.93 -2.71
C ASP A 32 3.99 -38.90 -3.48
N HIS A 33 4.29 -37.74 -2.90
CA HIS A 33 5.26 -36.74 -3.46
C HIS A 33 6.70 -37.29 -3.43
N VAL A 34 7.23 -37.63 -2.26
CA VAL A 34 8.69 -37.94 -2.09
C VAL A 34 9.02 -39.26 -2.78
N ILE A 35 8.09 -40.20 -2.85
CA ILE A 35 8.35 -41.57 -3.38
C ILE A 35 8.41 -41.56 -4.92
N SER A 36 7.81 -40.57 -5.60
CA SER A 36 7.74 -40.52 -7.09
C SER A 36 8.47 -39.28 -7.67
N THR A 37 9.20 -38.49 -6.87
CA THR A 37 9.99 -37.31 -7.36
C THR A 37 11.40 -37.32 -6.77
N SER A 38 12.29 -36.45 -7.25
CA SER A 38 13.62 -36.21 -6.64
C SER A 38 13.49 -35.42 -5.32
N HIS A 39 12.26 -35.11 -4.89
CA HIS A 39 12.00 -34.30 -3.66
C HIS A 39 12.00 -35.24 -2.44
N LYS A 40 13.01 -35.15 -1.58
CA LYS A 40 13.16 -36.10 -0.45
C LYS A 40 13.28 -35.36 0.89
N LEU A 41 13.57 -34.05 0.90
CA LEU A 41 13.59 -33.24 2.16
C LEU A 41 12.15 -32.88 2.61
N VAL A 42 11.76 -33.44 3.76
CA VAL A 42 10.51 -33.09 4.49
C VAL A 42 10.87 -32.15 5.66
N LEU A 43 10.06 -31.11 5.88
CA LEU A 43 10.20 -30.17 7.03
C LEU A 43 9.02 -30.38 7.98
N SER A 44 9.28 -30.31 9.29
CA SER A 44 8.30 -30.30 10.40
C SER A 44 8.63 -29.09 11.28
N VAL A 45 8.50 -29.17 12.60
CA VAL A 45 9.05 -28.16 13.56
C VAL A 45 10.56 -28.04 13.32
N ASN A 46 11.17 -29.20 13.02
CA ASN A 46 12.62 -29.40 12.74
C ASN A 46 12.71 -30.14 11.41
N PRO A 47 13.83 -30.05 10.68
CA PRO A 47 13.97 -30.82 9.45
C PRO A 47 14.06 -32.32 9.79
N TYR A 48 13.44 -33.15 8.95
CA TYR A 48 13.64 -34.62 8.90
C TYR A 48 15.02 -34.84 8.31
N VAL A 49 16.01 -34.89 9.20
CA VAL A 49 17.46 -35.07 8.91
C VAL A 49 17.98 -36.00 9.99
N CYS A 50 18.98 -36.84 9.68
CA CYS A 50 19.66 -37.70 10.67
C CYS A 50 20.29 -36.81 11.75
N ASN A 51 19.97 -37.04 13.02
CA ASN A 51 20.45 -36.19 14.15
C ASN A 51 21.81 -36.67 14.69
N ALA A 52 22.38 -37.74 14.13
CA ALA A 52 23.70 -38.28 14.53
C ALA A 52 24.77 -37.27 14.09
N PRO A 53 25.72 -36.89 14.97
CA PRO A 53 26.75 -35.92 14.60
C PRO A 53 27.42 -36.21 13.26
N GLY A 54 27.51 -35.20 12.39
CA GLY A 54 28.30 -35.21 11.13
C GLY A 54 27.68 -36.04 10.03
N CYS A 55 26.46 -36.53 10.24
CA CYS A 55 25.72 -37.36 9.26
C CYS A 55 24.97 -36.42 8.31
N ASP A 56 24.96 -36.74 7.01
CA ASP A 56 24.46 -35.84 5.95
C ASP A 56 23.14 -36.36 5.37
N VAL A 57 22.56 -37.45 5.90
CA VAL A 57 21.34 -38.09 5.33
C VAL A 57 20.14 -37.18 5.63
N THR A 58 19.53 -36.63 4.58
CA THR A 58 18.35 -35.71 4.62
C THR A 58 17.15 -36.38 3.95
N ASP A 59 17.36 -37.48 3.20
CA ASP A 59 16.33 -38.17 2.37
C ASP A 59 15.43 -38.97 3.32
N VAL A 60 14.19 -38.48 3.48
CA VAL A 60 13.11 -38.97 4.38
C VAL A 60 12.92 -40.48 4.21
N THR A 61 13.16 -41.00 3.00
CA THR A 61 12.91 -42.43 2.65
C THR A 61 13.96 -43.30 3.35
N GLN A 62 15.11 -42.71 3.70
CA GLN A 62 16.28 -43.40 4.30
C GLN A 62 16.32 -43.12 5.80
N LEU A 63 15.25 -42.55 6.40
CA LEU A 63 15.28 -42.04 7.81
C LEU A 63 14.23 -42.75 8.66
N TYR A 64 14.47 -42.72 9.98
CA TYR A 64 13.73 -43.45 11.04
C TYR A 64 13.53 -42.52 12.23
N LEU A 65 12.43 -42.69 12.95
CA LEU A 65 12.20 -42.06 14.27
C LEU A 65 12.67 -43.03 15.35
N GLY A 66 13.67 -42.63 16.15
CA GLY A 66 14.15 -43.35 17.34
C GLY A 66 14.07 -42.45 18.55
N GLY A 67 13.32 -42.85 19.58
CA GLY A 67 12.83 -41.92 20.62
C GLY A 67 11.99 -40.81 20.00
N MET A 68 12.32 -39.55 20.31
CA MET A 68 11.64 -38.37 19.74
C MET A 68 12.44 -37.82 18.56
N SER A 69 13.53 -38.48 18.15
CA SER A 69 14.52 -37.95 17.17
C SER A 69 14.61 -38.83 15.92
N TYR A 70 15.31 -38.34 14.90
CA TYR A 70 15.36 -38.99 13.57
C TYR A 70 16.79 -39.42 13.29
N TYR A 71 16.95 -40.58 12.65
CA TYR A 71 18.26 -41.20 12.29
C TYR A 71 18.12 -41.97 10.97
N CYS A 72 19.22 -42.12 10.24
CA CYS A 72 19.31 -43.01 9.05
C CYS A 72 19.47 -44.49 9.45
N LYS A 73 19.57 -45.38 8.47
CA LYS A 73 19.78 -46.84 8.68
C LYS A 73 21.06 -47.09 9.48
N SER A 74 22.12 -46.28 9.23
CA SER A 74 23.48 -46.39 9.85
C SER A 74 23.50 -45.98 11.34
N HIS A 75 22.53 -45.16 11.81
CA HIS A 75 22.59 -44.47 13.12
C HIS A 75 21.34 -44.77 13.94
N LYS A 76 20.36 -45.49 13.39
CA LYS A 76 19.05 -45.68 14.07
C LYS A 76 19.22 -46.67 15.22
N PRO A 77 18.53 -46.45 16.35
CA PRO A 77 18.59 -47.37 17.48
C PRO A 77 17.75 -48.62 17.21
N PRO A 78 17.95 -49.74 17.94
CA PRO A 78 17.15 -50.95 17.71
C PRO A 78 15.64 -50.65 17.63
N ILE A 79 15.10 -49.85 18.54
CA ILE A 79 13.62 -49.57 18.57
C ILE A 79 13.37 -48.26 17.81
N SER A 80 13.13 -48.40 16.51
CA SER A 80 12.89 -47.28 15.57
C SER A 80 11.88 -47.72 14.49
N PHE A 81 11.23 -46.72 13.89
CA PHE A 81 10.12 -46.80 12.91
C PHE A 81 10.59 -46.09 11.65
N PRO A 82 10.46 -46.65 10.42
CA PRO A 82 10.82 -45.88 9.23
C PRO A 82 9.81 -44.72 9.12
N LEU A 83 10.31 -43.54 8.74
CA LEU A 83 9.47 -42.32 8.59
C LEU A 83 8.52 -42.52 7.41
N CYS A 84 8.99 -43.17 6.34
CA CYS A 84 8.18 -43.61 5.17
C CYS A 84 7.76 -45.07 5.37
N ALA A 85 6.46 -45.29 5.57
CA ALA A 85 5.84 -46.62 5.72
C ALA A 85 4.33 -46.54 5.42
N ASN A 86 3.73 -47.68 5.06
CA ASN A 86 2.26 -47.83 4.85
C ASN A 86 1.72 -46.56 4.15
N GLY A 87 2.34 -46.18 3.03
CA GLY A 87 1.90 -45.09 2.15
C GLY A 87 1.99 -43.71 2.79
N GLN A 88 2.68 -43.57 3.93
CA GLN A 88 2.68 -42.32 4.73
C GLN A 88 4.10 -41.91 5.15
N VAL A 89 4.25 -40.60 5.41
CA VAL A 89 5.39 -39.96 6.12
C VAL A 89 4.91 -39.62 7.54
N PHE A 90 5.60 -40.14 8.56
CA PHE A 90 5.24 -39.89 9.97
C PHE A 90 5.23 -38.38 10.18
N GLY A 91 4.08 -37.86 10.58
CA GLY A 91 3.91 -36.49 11.07
C GLY A 91 2.71 -36.41 11.99
N LEU A 92 2.37 -35.22 12.46
CA LEU A 92 1.21 -35.00 13.34
C LEU A 92 -0.07 -35.24 12.53
N TYR A 93 -1.16 -35.61 13.20
CA TYR A 93 -2.56 -35.68 12.68
C TYR A 93 -2.68 -36.80 11.62
N LYS A 94 -2.04 -37.96 11.86
CA LYS A 94 -2.00 -39.15 10.97
C LYS A 94 -3.22 -40.06 11.21
N VAL A 103 -2.42 -36.33 -7.33
CA VAL A 103 -1.02 -36.15 -6.80
C VAL A 103 0.00 -36.26 -7.95
N THR A 104 -0.33 -36.97 -9.03
CA THR A 104 0.45 -36.99 -10.30
C THR A 104 0.58 -35.55 -10.81
N ASP A 105 -0.49 -34.76 -10.70
CA ASP A 105 -0.53 -33.34 -11.16
C ASP A 105 0.36 -32.50 -10.24
N PHE A 106 0.20 -32.58 -8.92
CA PHE A 106 1.04 -31.84 -7.95
C PHE A 106 2.53 -32.11 -8.22
N ASN A 107 2.91 -33.35 -8.54
CA ASN A 107 4.34 -33.72 -8.75
C ASN A 107 4.92 -33.02 -9.98
N ALA A 108 4.14 -32.98 -11.09
CA ALA A 108 4.55 -32.29 -12.34
C ALA A 108 4.68 -30.78 -12.12
N ILE A 109 3.77 -30.17 -11.34
CA ILE A 109 3.79 -28.70 -11.04
C ILE A 109 5.02 -28.39 -10.19
N ALA A 110 5.26 -29.19 -9.15
CA ALA A 110 6.37 -29.00 -8.17
C ALA A 110 7.74 -29.06 -8.85
N THR A 111 7.90 -29.86 -9.90
CA THR A 111 9.23 -30.21 -10.48
C THR A 111 9.48 -29.61 -11.88
N CYS A 112 8.46 -29.08 -12.58
CA CYS A 112 8.63 -28.54 -13.95
C CYS A 112 9.42 -27.24 -13.86
N ASP A 113 10.04 -26.81 -14.96
CA ASP A 113 10.87 -25.59 -15.01
C ASP A 113 10.08 -24.46 -15.70
N TRP A 114 8.86 -24.75 -16.19
CA TRP A 114 7.87 -23.79 -16.77
C TRP A 114 8.28 -23.31 -18.17
N THR A 115 9.00 -24.14 -18.94
CA THR A 115 9.56 -23.80 -20.28
C THR A 115 8.69 -24.47 -21.35
N ASN A 116 7.79 -25.35 -20.95
CA ASN A 116 6.94 -26.17 -21.84
C ASN A 116 5.49 -25.72 -21.67
N ALA A 117 4.75 -25.61 -22.77
CA ALA A 117 3.32 -25.26 -22.78
C ALA A 117 2.55 -26.20 -21.83
N GLY A 118 2.87 -27.50 -21.89
CA GLY A 118 2.19 -28.55 -21.09
C GLY A 118 2.16 -28.18 -19.62
N ASP A 119 3.15 -27.44 -19.16
CA ASP A 119 3.26 -26.98 -17.75
C ASP A 119 2.11 -26.02 -17.44
N TYR A 120 1.82 -25.09 -18.37
CA TYR A 120 0.76 -24.07 -18.24
C TYR A 120 -0.60 -24.74 -18.41
N ILE A 121 -0.66 -25.74 -19.28
CA ILE A 121 -1.92 -26.53 -19.50
C ILE A 121 -2.30 -27.14 -18.16
N LEU A 122 -1.39 -27.88 -17.56
CA LEU A 122 -1.61 -28.57 -16.26
C LEU A 122 -1.98 -27.55 -15.15
N ALA A 123 -1.28 -26.42 -15.06
CA ALA A 123 -1.57 -25.32 -14.09
C ALA A 123 -3.00 -24.76 -14.25
N ASN A 124 -3.72 -25.15 -15.31
CA ASN A 124 -5.07 -24.59 -15.62
C ASN A 124 -6.11 -25.69 -15.80
N THR A 125 -5.75 -26.97 -15.83
CA THR A 125 -6.73 -28.08 -15.86
C THR A 125 -6.80 -28.77 -14.49
N CYS A 126 -5.99 -28.37 -13.53
CA CYS A 126 -5.88 -29.03 -12.21
C CYS A 126 -6.97 -28.49 -11.26
N THR A 127 -7.09 -29.06 -10.06
CA THR A 127 -7.92 -28.55 -8.94
C THR A 127 -7.51 -27.10 -8.62
N GLU A 128 -8.40 -26.41 -7.90
CA GLU A 128 -8.35 -24.96 -7.59
C GLU A 128 -7.18 -24.67 -6.65
N ARG A 129 -6.95 -25.51 -5.65
CA ARG A 129 -5.76 -25.30 -4.77
C ARG A 129 -4.47 -25.46 -5.57
N LEU A 130 -4.43 -26.42 -6.50
CA LEU A 130 -3.23 -26.66 -7.35
C LEU A 130 -3.02 -25.53 -8.38
N LYS A 131 -4.09 -24.85 -8.82
CA LYS A 131 -3.95 -23.62 -9.64
C LYS A 131 -3.13 -22.59 -8.83
N LEU A 132 -3.38 -22.48 -7.52
CA LEU A 132 -2.69 -21.46 -6.69
C LEU A 132 -1.22 -21.85 -6.49
N PHE A 133 -0.95 -23.10 -6.13
CA PHE A 133 0.45 -23.58 -5.96
C PHE A 133 1.17 -23.34 -7.28
N ALA A 134 0.59 -23.80 -8.38
CA ALA A 134 1.14 -23.61 -9.75
C ALA A 134 1.43 -22.12 -9.98
N ALA A 135 0.47 -21.23 -9.74
CA ALA A 135 0.63 -19.77 -10.03
C ALA A 135 1.78 -19.20 -9.22
N GLU A 136 1.85 -19.54 -7.94
CA GLU A 136 2.90 -19.00 -7.03
C GLU A 136 4.26 -19.61 -7.40
N THR A 137 4.27 -20.89 -7.72
CA THR A 137 5.53 -21.62 -8.09
C THR A 137 6.08 -21.00 -9.37
N LEU A 138 5.23 -20.91 -10.40
CA LEU A 138 5.55 -20.26 -11.69
C LEU A 138 6.12 -18.87 -11.42
N LYS A 139 5.39 -18.04 -10.68
CA LYS A 139 5.76 -16.61 -10.53
C LYS A 139 7.11 -16.53 -9.83
N ALA A 140 7.32 -17.34 -8.79
CA ALA A 140 8.61 -17.44 -8.06
C ALA A 140 9.72 -17.75 -9.06
N THR A 141 9.55 -18.82 -9.83
CA THR A 141 10.48 -19.25 -10.91
C THR A 141 10.74 -18.10 -11.91
N GLU A 142 9.70 -17.37 -12.33
CA GLU A 142 9.86 -16.24 -13.28
C GLU A 142 10.79 -15.18 -12.66
N GLU A 143 10.67 -14.92 -11.36
CA GLU A 143 11.41 -13.84 -10.64
C GLU A 143 12.89 -14.22 -10.49
N THR A 144 13.16 -15.46 -10.06
CA THR A 144 14.55 -15.97 -9.87
C THR A 144 15.29 -16.00 -11.22
N PHE A 145 14.57 -16.13 -12.34
CA PHE A 145 15.17 -16.15 -13.70
C PHE A 145 15.66 -14.76 -14.10
N LYS A 146 15.09 -13.69 -13.54
CA LYS A 146 15.57 -12.30 -13.79
C LYS A 146 17.02 -12.18 -13.29
N LEU A 147 17.33 -12.75 -12.11
CA LEU A 147 18.68 -12.74 -11.47
C LEU A 147 19.74 -13.28 -12.44
N SER A 148 19.37 -14.15 -13.38
CA SER A 148 20.27 -14.84 -14.34
C SER A 148 20.87 -13.86 -15.35
N TYR A 149 20.17 -12.78 -15.67
CA TYR A 149 20.59 -11.76 -16.68
C TYR A 149 21.73 -10.92 -16.12
N GLY A 150 22.52 -10.32 -17.02
CA GLY A 150 23.70 -9.50 -16.71
C GLY A 150 23.32 -8.08 -16.36
N ILE A 151 24.15 -7.41 -15.55
CA ILE A 151 24.06 -5.96 -15.23
C ILE A 151 24.46 -5.18 -16.50
N ALA A 152 23.77 -4.06 -16.76
CA ALA A 152 24.03 -3.10 -17.87
C ALA A 152 24.63 -1.81 -17.29
N THR A 153 25.90 -1.55 -17.58
CA THR A 153 26.68 -0.42 -17.03
C THR A 153 26.83 0.61 -18.15
N VAL A 154 26.52 1.89 -17.89
CA VAL A 154 26.61 2.99 -18.90
C VAL A 154 28.08 3.31 -19.13
N ARG A 155 28.59 3.01 -20.33
CA ARG A 155 29.98 3.32 -20.77
C ARG A 155 30.10 4.82 -21.05
N GLU A 156 29.25 5.37 -21.93
CA GLU A 156 29.22 6.82 -22.32
C GLU A 156 27.78 7.28 -22.62
N VAL A 157 27.50 8.57 -22.39
CA VAL A 157 26.16 9.22 -22.58
C VAL A 157 26.22 10.11 -23.83
N LEU A 158 25.55 9.71 -24.92
CA LEU A 158 25.54 10.46 -26.20
C LEU A 158 24.64 11.70 -26.08
N SER A 159 23.35 11.49 -25.78
CA SER A 159 22.29 12.52 -25.83
C SER A 159 21.32 12.35 -24.65
N ASP A 160 20.19 13.06 -24.73
CA ASP A 160 19.07 13.03 -23.74
C ASP A 160 18.21 11.78 -23.98
N ARG A 161 18.34 11.12 -25.14
CA ARG A 161 17.52 9.94 -25.54
C ARG A 161 18.40 8.76 -26.02
N GLU A 162 19.73 8.87 -26.05
CA GLU A 162 20.62 7.76 -26.51
C GLU A 162 21.87 7.67 -25.61
N LEU A 163 22.34 6.45 -25.33
CA LEU A 163 23.65 6.18 -24.66
C LEU A 163 24.26 4.86 -25.18
N HIS A 164 25.46 4.52 -24.71
CA HIS A 164 26.20 3.26 -25.00
C HIS A 164 26.31 2.42 -23.72
N LEU A 165 25.90 1.15 -23.76
CA LEU A 165 25.91 0.24 -22.58
C LEU A 165 27.06 -0.77 -22.68
N SER A 166 27.58 -1.16 -21.52
CA SER A 166 28.58 -2.24 -21.29
C SER A 166 27.92 -3.35 -20.45
N TRP A 167 27.94 -4.60 -20.93
CA TRP A 167 27.14 -5.75 -20.40
C TRP A 167 28.02 -6.78 -19.67
N GLU A 168 27.58 -7.18 -18.47
CA GLU A 168 28.29 -8.15 -17.59
C GLU A 168 28.57 -9.42 -18.38
N VAL A 169 29.85 -9.78 -18.50
CA VAL A 169 30.32 -11.02 -19.19
C VAL A 169 30.01 -12.21 -18.28
N GLY A 170 29.65 -13.35 -18.88
CA GLY A 170 29.33 -14.61 -18.17
C GLY A 170 27.85 -14.79 -17.91
N LYS A 171 27.04 -13.73 -18.09
CA LYS A 171 25.55 -13.76 -17.95
C LYS A 171 24.92 -13.25 -19.25
N PRO A 172 23.76 -13.82 -19.67
CA PRO A 172 23.10 -13.41 -20.92
C PRO A 172 22.45 -12.02 -20.83
N ARG A 173 22.16 -11.40 -21.98
CA ARG A 173 21.63 -10.00 -22.05
C ARG A 173 20.13 -10.05 -22.29
N PRO A 174 19.29 -9.42 -21.43
CA PRO A 174 17.84 -9.48 -21.57
C PRO A 174 17.34 -8.79 -22.84
N PRO A 175 16.26 -9.31 -23.48
CA PRO A 175 15.71 -8.65 -24.66
C PRO A 175 15.47 -7.16 -24.36
N LEU A 176 15.77 -6.26 -25.30
CA LEU A 176 15.68 -4.80 -25.08
C LEU A 176 14.43 -4.21 -25.75
N ASN A 177 13.28 -4.39 -25.11
CA ASN A 177 11.95 -3.86 -25.55
C ASN A 177 11.37 -3.07 -24.36
N ARG A 178 10.06 -2.84 -24.31
CA ARG A 178 9.36 -2.23 -23.15
C ARG A 178 8.97 -3.33 -22.15
N ASN A 179 8.87 -4.60 -22.58
CA ASN A 179 8.45 -5.76 -21.75
C ASN A 179 9.47 -6.03 -20.64
N TYR A 180 10.69 -5.48 -20.79
CA TYR A 180 11.84 -5.65 -19.85
C TYR A 180 12.19 -4.28 -19.25
N VAL A 181 11.62 -3.99 -18.07
CA VAL A 181 11.84 -2.71 -17.33
C VAL A 181 13.03 -2.91 -16.38
N PHE A 182 13.96 -1.96 -16.38
CA PHE A 182 15.20 -1.97 -15.57
C PHE A 182 15.08 -0.96 -14.45
N THR A 183 15.87 -1.15 -13.40
CA THR A 183 16.07 -0.16 -12.31
C THR A 183 17.50 0.36 -12.41
N GLY A 184 17.66 1.69 -12.42
CA GLY A 184 18.94 2.40 -12.40
C GLY A 184 19.46 2.59 -10.98
N TYR A 185 20.78 2.72 -10.80
CA TYR A 185 21.47 2.86 -9.49
C TYR A 185 22.69 3.78 -9.64
N GLN A 194 18.78 4.30 -6.34
CA GLN A 194 17.51 4.03 -7.07
C GLN A 194 17.15 5.28 -7.89
N ILE A 195 17.65 5.40 -9.13
CA ILE A 195 17.48 6.60 -9.99
C ILE A 195 16.30 6.38 -10.95
N GLY A 196 15.26 5.68 -10.50
CA GLY A 196 13.99 5.50 -11.25
C GLY A 196 14.11 4.41 -12.31
N GLU A 197 12.96 3.83 -12.69
CA GLU A 197 12.86 2.75 -13.70
C GLU A 197 13.29 3.31 -15.07
N TYR A 198 13.82 2.44 -15.94
CA TYR A 198 14.34 2.79 -17.29
C TYR A 198 14.02 1.67 -18.27
N THR A 199 13.71 2.00 -19.53
CA THR A 199 13.60 1.03 -20.67
C THR A 199 14.63 1.41 -21.74
N PHE A 200 14.97 0.45 -22.62
CA PHE A 200 16.00 0.54 -23.68
C PHE A 200 15.52 -0.13 -24.98
N GLU A 201 15.82 0.48 -26.13
CA GLU A 201 15.48 0.00 -27.50
C GLU A 201 16.58 0.39 -28.49
N LYS A 202 16.80 -0.45 -29.52
CA LYS A 202 17.73 -0.17 -30.65
C LYS A 202 16.97 0.61 -31.74
N ASP A 207 25.94 0.60 -32.32
CA ASP A 207 26.20 0.60 -30.85
C ASP A 207 25.11 1.40 -30.13
N ALA A 208 24.74 2.58 -30.67
CA ALA A 208 23.81 3.57 -30.07
C ALA A 208 22.49 2.88 -29.68
N VAL A 209 22.17 2.87 -28.38
CA VAL A 209 20.86 2.37 -27.84
C VAL A 209 20.08 3.55 -27.25
N VAL A 210 18.74 3.50 -27.41
CA VAL A 210 17.78 4.58 -27.01
C VAL A 210 17.25 4.27 -25.60
N TYR A 211 17.48 5.18 -24.65
CA TYR A 211 17.04 5.06 -23.23
C TYR A 211 15.80 5.93 -22.99
N ARG A 212 15.02 5.55 -21.97
CA ARG A 212 13.78 6.25 -21.56
C ARG A 212 13.64 6.16 -20.04
N GLY A 213 14.02 7.23 -19.33
CA GLY A 213 13.93 7.32 -17.87
C GLY A 213 12.53 7.74 -17.45
N THR A 214 11.88 6.98 -16.57
CA THR A 214 10.55 7.34 -15.99
C THR A 214 10.75 8.69 -15.31
N THR A 215 11.63 8.75 -14.31
CA THR A 215 12.13 10.01 -13.70
C THR A 215 13.17 10.58 -14.66
N THR A 216 13.03 11.84 -15.11
CA THR A 216 13.99 12.54 -15.99
C THR A 216 15.28 12.84 -15.20
N TYR A 217 16.30 12.01 -15.35
CA TYR A 217 17.60 12.09 -14.63
C TYR A 217 18.72 12.29 -15.65
N LYS A 218 19.69 13.17 -15.32
CA LYS A 218 20.94 13.34 -16.11
C LYS A 218 21.74 12.06 -15.96
N LEU A 219 21.68 11.18 -16.97
CA LEU A 219 22.30 9.82 -16.98
C LEU A 219 23.82 9.94 -16.82
N ASN A 220 24.36 9.46 -15.70
CA ASN A 220 25.81 9.49 -15.37
C ASN A 220 26.47 8.19 -15.86
N VAL A 221 27.76 8.25 -16.21
CA VAL A 221 28.61 7.08 -16.57
C VAL A 221 28.90 6.26 -15.30
N GLY A 222 28.87 4.94 -15.41
CA GLY A 222 29.12 4.02 -14.27
C GLY A 222 27.83 3.62 -13.57
N ASP A 223 26.76 4.43 -13.67
CA ASP A 223 25.41 4.04 -13.18
C ASP A 223 25.04 2.73 -13.89
N TYR A 224 24.36 1.80 -13.21
CA TYR A 224 24.07 0.44 -13.72
C TYR A 224 22.55 0.19 -13.62
N PHE A 225 22.05 -0.78 -14.41
CA PHE A 225 20.62 -1.15 -14.51
C PHE A 225 20.46 -2.64 -14.17
N VAL A 226 19.38 -2.97 -13.46
CA VAL A 226 19.01 -4.37 -13.07
C VAL A 226 17.48 -4.50 -13.14
N LEU A 227 16.99 -5.65 -13.63
CA LEU A 227 15.53 -5.97 -13.72
C LEU A 227 15.00 -6.16 -12.29
N THR A 228 13.92 -5.46 -11.96
CA THR A 228 13.23 -5.53 -10.64
C THR A 228 12.74 -6.96 -10.40
N SER A 229 13.31 -7.64 -9.40
CA SER A 229 12.96 -9.01 -8.97
C SER A 229 12.20 -8.95 -7.63
N HIS A 230 10.89 -8.67 -7.67
CA HIS A 230 10.02 -8.53 -6.46
C HIS A 230 9.71 -9.92 -5.90
N THR A 231 9.70 -10.05 -4.56
CA THR A 231 9.39 -11.30 -3.82
C THR A 231 7.95 -11.70 -4.10
N VAL A 232 7.73 -12.96 -4.45
CA VAL A 232 6.39 -13.52 -4.81
C VAL A 232 5.70 -13.97 -3.52
N MET A 233 4.70 -13.22 -3.09
CA MET A 233 4.00 -13.44 -1.80
C MET A 233 3.05 -14.63 -1.95
N PRO A 234 2.84 -15.41 -0.86
CA PRO A 234 1.82 -16.46 -0.88
C PRO A 234 0.48 -15.96 -1.42
N LEU A 235 -0.31 -16.90 -1.95
CA LEU A 235 -1.70 -16.58 -2.38
C LEU A 235 -2.61 -17.26 -1.34
N SER A 236 -3.93 -17.06 -1.44
CA SER A 236 -4.88 -17.65 -0.46
C SER A 236 -6.26 -17.78 -1.08
N ALA A 237 -6.67 -16.78 -1.85
CA ALA A 237 -8.03 -16.78 -2.45
C ALA A 237 -8.01 -17.60 -3.74
N PRO A 238 -9.13 -18.25 -4.08
CA PRO A 238 -9.20 -18.97 -5.36
C PRO A 238 -9.13 -18.00 -6.55
N THR A 239 -8.87 -18.52 -7.75
CA THR A 239 -8.84 -17.72 -9.01
C THR A 239 -10.25 -17.18 -9.24
N LEU A 240 -11.23 -18.07 -9.10
CA LEU A 240 -12.69 -17.81 -9.13
C LEU A 240 -13.28 -18.25 -7.79
N VAL A 241 -14.12 -17.43 -7.17
CA VAL A 241 -14.94 -17.88 -6.00
C VAL A 241 -15.94 -18.91 -6.52
N PRO A 242 -16.54 -19.76 -5.66
CA PRO A 242 -17.49 -20.76 -6.15
C PRO A 242 -18.66 -20.01 -6.80
N GLN A 243 -19.25 -20.57 -7.85
CA GLN A 243 -20.37 -19.91 -8.59
C GLN A 243 -21.61 -19.99 -7.70
N GLU A 244 -22.42 -18.93 -7.66
CA GLU A 244 -23.76 -18.89 -7.02
C GLU A 244 -24.79 -18.32 -8.01
N HIS A 245 -25.84 -19.06 -8.30
CA HIS A 245 -27.00 -18.59 -9.12
C HIS A 245 -28.17 -18.25 -8.19
N TYR A 246 -28.68 -17.03 -8.32
CA TYR A 246 -29.75 -16.45 -7.50
C TYR A 246 -31.05 -16.47 -8.32
N VAL A 247 -32.18 -16.32 -7.63
CA VAL A 247 -33.55 -16.34 -8.22
C VAL A 247 -33.89 -14.92 -8.67
N ARG A 248 -33.36 -13.93 -7.95
CA ARG A 248 -33.62 -12.48 -8.11
C ARG A 248 -32.29 -11.72 -8.08
N ILE A 249 -32.28 -10.49 -8.60
CA ILE A 249 -31.09 -9.59 -8.57
C ILE A 249 -30.72 -9.37 -7.10
N THR A 250 -29.51 -9.78 -6.73
CA THR A 250 -29.06 -9.90 -5.32
C THR A 250 -28.13 -8.73 -5.00
N GLY A 251 -28.42 -7.98 -3.95
CA GLY A 251 -27.55 -6.93 -3.37
C GLY A 251 -27.41 -5.70 -4.26
N LEU A 252 -28.19 -5.57 -5.33
CA LEU A 252 -28.15 -4.42 -6.28
C LEU A 252 -29.59 -3.95 -6.56
N TYR A 253 -29.76 -2.66 -6.92
CA TYR A 253 -31.09 -2.02 -7.14
C TYR A 253 -31.12 -1.36 -8.52
N PRO A 254 -31.87 -1.94 -9.50
CA PRO A 254 -31.85 -1.43 -10.87
C PRO A 254 -32.42 0.01 -10.97
N THR A 255 -32.25 0.69 -12.11
CA THR A 255 -33.05 1.90 -12.46
C THR A 255 -34.30 1.43 -13.26
N LEU A 256 -35.30 2.30 -13.31
CA LEU A 256 -36.48 2.24 -14.23
C LEU A 256 -36.44 3.50 -15.09
N ASN A 257 -35.24 3.83 -15.57
CA ASN A 257 -34.92 5.14 -16.22
C ASN A 257 -33.54 5.04 -16.88
N ILE A 258 -33.26 3.93 -17.59
CA ILE A 258 -31.94 3.68 -18.26
C ILE A 258 -31.94 4.38 -19.61
N SER A 259 -30.88 5.14 -19.89
CA SER A 259 -30.58 5.79 -21.19
C SER A 259 -30.66 4.75 -22.31
N ASP A 260 -31.24 5.12 -23.45
CA ASP A 260 -31.40 4.27 -24.66
C ASP A 260 -30.03 3.73 -25.11
N GLU A 261 -28.97 4.51 -24.89
CA GLU A 261 -27.55 4.14 -25.14
C GLU A 261 -27.24 2.74 -24.60
N PHE A 262 -27.79 2.36 -23.44
CA PHE A 262 -27.44 1.12 -22.68
C PHE A 262 -28.61 0.14 -22.65
N SER A 263 -29.72 0.41 -23.34
CA SER A 263 -30.90 -0.47 -23.46
C SER A 263 -30.50 -1.90 -23.83
N SER A 264 -29.62 -2.04 -24.83
CA SER A 264 -29.16 -3.34 -25.40
C SER A 264 -28.60 -4.24 -24.28
N ASN A 265 -27.98 -3.71 -23.23
CA ASN A 265 -27.21 -4.50 -22.22
C ASN A 265 -28.08 -4.83 -20.99
N VAL A 266 -29.36 -4.46 -20.95
CA VAL A 266 -30.21 -4.54 -19.72
C VAL A 266 -30.35 -6.01 -19.32
N ALA A 267 -30.62 -6.92 -20.26
CA ALA A 267 -30.76 -8.36 -19.94
C ALA A 267 -29.43 -8.87 -19.34
N ASN A 268 -28.30 -8.56 -19.95
CA ASN A 268 -26.93 -8.95 -19.47
C ASN A 268 -26.68 -8.33 -18.08
N TYR A 269 -27.12 -7.10 -17.86
CA TYR A 269 -26.95 -6.37 -16.57
C TYR A 269 -27.72 -7.08 -15.45
N GLN A 270 -28.88 -7.63 -15.79
CA GLN A 270 -29.75 -8.42 -14.88
C GLN A 270 -29.10 -9.78 -14.62
N LYS A 271 -28.48 -10.39 -15.62
CA LYS A 271 -27.70 -11.65 -15.43
C LYS A 271 -26.56 -11.39 -14.44
N VAL A 272 -25.82 -10.29 -14.59
CA VAL A 272 -24.72 -9.89 -13.65
C VAL A 272 -25.25 -9.90 -12.20
N GLY A 273 -26.48 -9.41 -11.97
CA GLY A 273 -27.10 -9.28 -10.64
C GLY A 273 -27.64 -10.60 -10.09
N MET A 274 -27.80 -11.63 -10.93
CA MET A 274 -28.43 -12.94 -10.59
C MET A 274 -27.41 -14.09 -10.56
N GLN A 275 -26.11 -13.76 -10.57
CA GLN A 275 -25.00 -14.73 -10.44
C GLN A 275 -23.94 -14.12 -9.51
N LYS A 276 -23.10 -14.95 -8.87
CA LYS A 276 -21.93 -14.46 -8.11
C LYS A 276 -20.96 -13.79 -9.09
N TYR A 277 -20.51 -14.51 -10.09
CA TYR A 277 -19.54 -13.97 -11.09
C TYR A 277 -20.12 -14.24 -12.49
N SER A 278 -19.76 -13.37 -13.42
CA SER A 278 -20.15 -13.56 -14.84
C SER A 278 -18.95 -13.24 -15.74
N THR A 279 -18.92 -13.92 -16.89
CA THR A 279 -17.90 -13.75 -17.96
C THR A 279 -18.56 -13.05 -19.15
N LEU A 280 -17.91 -12.02 -19.70
CA LEU A 280 -18.32 -11.35 -20.97
C LEU A 280 -17.20 -11.47 -22.01
N GLN A 281 -17.46 -12.14 -23.12
CA GLN A 281 -16.60 -12.12 -24.32
C GLN A 281 -17.01 -10.98 -25.25
N GLY A 282 -16.12 -10.00 -25.39
CA GLY A 282 -16.29 -8.85 -26.29
C GLY A 282 -15.16 -8.80 -27.31
N PRO A 283 -15.43 -9.28 -28.55
CA PRO A 283 -14.50 -9.11 -29.67
C PRO A 283 -14.21 -7.63 -29.89
N PRO A 284 -13.19 -7.27 -30.69
CA PRO A 284 -12.78 -5.87 -30.76
C PRO A 284 -13.97 -4.99 -31.19
N GLY A 285 -14.13 -3.85 -30.50
CA GLY A 285 -15.06 -2.76 -30.87
C GLY A 285 -16.51 -3.16 -30.72
N THR A 286 -16.83 -4.16 -29.88
CA THR A 286 -18.20 -4.69 -29.71
C THR A 286 -18.91 -4.01 -28.52
N GLY A 287 -18.25 -3.06 -27.84
CA GLY A 287 -18.84 -2.30 -26.71
C GLY A 287 -18.52 -2.84 -25.31
N LYS A 288 -17.30 -3.36 -25.04
CA LYS A 288 -16.87 -3.77 -23.68
C LYS A 288 -16.90 -2.57 -22.69
N SER A 289 -16.17 -1.49 -22.95
CA SER A 289 -16.10 -0.32 -22.03
C SER A 289 -17.51 0.21 -21.79
N HIS A 290 -18.31 0.29 -22.86
CA HIS A 290 -19.70 0.79 -22.86
C HIS A 290 -20.53 -0.08 -21.93
N PHE A 291 -20.32 -1.40 -21.99
CA PHE A 291 -20.97 -2.37 -21.08
C PHE A 291 -20.54 -2.11 -19.62
N ALA A 292 -19.23 -1.95 -19.38
CA ALA A 292 -18.65 -1.85 -18.01
C ALA A 292 -19.16 -0.58 -17.33
N ILE A 293 -19.10 0.55 -18.03
CA ILE A 293 -19.53 1.85 -17.46
C ILE A 293 -21.05 1.83 -17.34
N GLY A 294 -21.75 1.25 -18.32
CA GLY A 294 -23.22 1.16 -18.34
C GLY A 294 -23.79 0.39 -17.16
N LEU A 295 -22.98 -0.47 -16.54
CA LEU A 295 -23.39 -1.34 -15.41
C LEU A 295 -23.68 -0.44 -14.18
N ALA A 296 -22.87 0.62 -14.04
CA ALA A 296 -22.93 1.64 -12.96
C ALA A 296 -24.22 2.46 -13.08
N LEU A 297 -24.61 2.81 -14.33
CA LEU A 297 -25.85 3.57 -14.63
C LEU A 297 -27.06 2.68 -14.34
N TYR A 298 -26.96 1.37 -14.56
CA TYR A 298 -28.11 0.46 -14.38
C TYR A 298 -28.28 0.17 -12.89
N TYR A 299 -27.17 0.06 -12.15
CA TYR A 299 -27.16 -0.12 -10.66
C TYR A 299 -26.56 1.14 -10.03
N PRO A 300 -27.32 2.26 -10.08
CA PRO A 300 -26.74 3.60 -9.84
C PRO A 300 -26.14 3.89 -8.45
N SER A 301 -26.54 3.13 -7.43
CA SER A 301 -26.05 3.31 -6.03
C SER A 301 -24.94 2.30 -5.72
N ALA A 302 -24.66 1.36 -6.63
CA ALA A 302 -23.68 0.27 -6.41
C ALA A 302 -22.27 0.87 -6.36
N ARG A 303 -21.45 0.37 -5.44
CA ARG A 303 -20.01 0.69 -5.36
C ARG A 303 -19.31 -0.29 -6.30
N ILE A 304 -18.53 0.24 -7.24
CA ILE A 304 -17.89 -0.58 -8.32
C ILE A 304 -16.39 -0.28 -8.30
N VAL A 305 -15.62 -1.34 -8.16
CA VAL A 305 -14.15 -1.29 -8.40
C VAL A 305 -13.91 -1.79 -9.83
N TYR A 306 -13.30 -0.92 -10.65
CA TYR A 306 -12.88 -1.17 -12.05
C TYR A 306 -11.38 -1.48 -12.02
N THR A 307 -11.00 -2.68 -12.46
CA THR A 307 -9.59 -3.15 -12.39
C THR A 307 -9.18 -3.85 -13.70
N ALA A 308 -7.87 -3.85 -13.94
CA ALA A 308 -7.16 -4.53 -15.05
C ALA A 308 -5.67 -4.62 -14.69
N CYS A 309 -4.91 -5.45 -15.39
CA CYS A 309 -3.49 -5.68 -15.05
C CYS A 309 -2.70 -4.41 -15.36
N SER A 310 -3.01 -3.72 -16.47
CA SER A 310 -2.21 -2.59 -17.01
C SER A 310 -2.87 -1.24 -16.67
N HIS A 311 -2.07 -0.20 -16.52
CA HIS A 311 -2.52 1.21 -16.34
C HIS A 311 -3.33 1.67 -17.55
N ALA A 312 -2.97 1.18 -18.75
CA ALA A 312 -3.65 1.55 -20.02
C ALA A 312 -5.13 1.13 -19.94
N ALA A 313 -5.39 -0.16 -19.70
CA ALA A 313 -6.76 -0.70 -19.58
C ALA A 313 -7.55 0.07 -18.52
N VAL A 314 -6.93 0.40 -17.38
CA VAL A 314 -7.61 1.10 -16.26
C VAL A 314 -7.96 2.53 -16.72
N ASP A 315 -6.99 3.22 -17.37
CA ASP A 315 -7.16 4.56 -17.98
C ASP A 315 -8.30 4.55 -19.01
N ALA A 316 -8.35 3.54 -19.88
CA ALA A 316 -9.43 3.39 -20.88
C ALA A 316 -10.77 3.32 -20.15
N LEU A 317 -10.85 2.60 -19.03
CA LEU A 317 -12.13 2.54 -18.27
C LEU A 317 -12.44 3.93 -17.69
N CYS A 318 -11.40 4.67 -17.29
CA CYS A 318 -11.54 6.04 -16.70
C CYS A 318 -12.12 6.99 -17.76
N GLU A 319 -11.54 7.00 -18.98
CA GLU A 319 -11.98 7.81 -20.14
C GLU A 319 -13.48 7.61 -20.36
N LYS A 320 -13.93 6.34 -20.44
CA LYS A 320 -15.38 6.03 -20.58
C LYS A 320 -16.15 6.58 -19.39
N ALA A 321 -15.67 6.36 -18.16
CA ALA A 321 -16.35 6.81 -16.93
C ALA A 321 -16.54 8.34 -16.98
N LEU A 322 -15.49 9.06 -17.40
CA LEU A 322 -15.47 10.55 -17.41
C LEU A 322 -16.68 11.05 -18.21
N LYS A 323 -17.01 10.37 -19.30
CA LYS A 323 -18.11 10.74 -20.23
C LYS A 323 -19.49 10.51 -19.60
N TYR A 324 -19.69 9.51 -18.73
CA TYR A 324 -21.04 9.02 -18.35
C TYR A 324 -21.28 8.99 -16.85
N LEU A 325 -20.24 9.02 -16.00
CA LEU A 325 -20.42 8.90 -14.53
C LEU A 325 -20.02 10.19 -13.85
N PRO A 326 -20.66 10.54 -12.71
CA PRO A 326 -20.34 11.80 -12.01
C PRO A 326 -18.89 11.79 -11.53
N ILE A 327 -18.08 12.71 -12.03
CA ILE A 327 -16.61 12.82 -11.82
C ILE A 327 -16.24 12.91 -10.32
N ASP A 328 -17.12 13.41 -9.47
CA ASP A 328 -16.83 13.59 -8.01
C ASP A 328 -16.99 12.24 -7.30
N LYS A 329 -17.61 11.23 -7.91
CA LYS A 329 -17.80 9.89 -7.32
C LYS A 329 -16.77 8.88 -7.88
N CYS A 330 -15.74 9.34 -8.59
CA CYS A 330 -14.65 8.51 -9.18
C CYS A 330 -13.29 8.82 -8.55
N SER A 331 -12.49 7.79 -8.28
CA SER A 331 -11.05 7.95 -7.94
C SER A 331 -10.14 6.97 -8.70
N ARG A 332 -8.98 7.46 -9.14
CA ARG A 332 -7.91 6.71 -9.83
C ARG A 332 -6.84 6.39 -8.77
N ILE A 333 -6.66 5.10 -8.41
CA ILE A 333 -5.69 4.65 -7.36
C ILE A 333 -4.34 4.52 -8.05
N ILE A 334 -3.35 5.29 -7.61
CA ILE A 334 -1.99 5.34 -8.20
C ILE A 334 -1.00 4.95 -7.09
N PRO A 335 -0.17 3.90 -7.27
CA PRO A 335 0.86 3.57 -6.30
C PRO A 335 1.98 4.61 -6.31
N ALA A 336 2.47 4.96 -5.10
CA ALA A 336 3.47 6.04 -4.84
C ALA A 336 4.79 5.75 -5.58
N ARG A 337 5.00 4.51 -6.03
CA ARG A 337 6.12 4.10 -6.93
C ARG A 337 5.60 4.15 -8.38
N ALA A 338 5.16 5.34 -8.83
CA ALA A 338 4.49 5.59 -10.13
C ALA A 338 5.47 5.35 -11.29
N ARG A 339 5.12 4.42 -12.19
CA ARG A 339 6.00 3.85 -13.24
C ARG A 339 5.70 4.50 -14.59
N VAL A 340 4.42 4.74 -14.92
CA VAL A 340 3.99 5.45 -16.15
C VAL A 340 3.08 6.63 -15.77
N GLU A 341 2.97 7.63 -16.64
CA GLU A 341 1.92 8.69 -16.56
C GLU A 341 0.57 8.02 -16.80
N CYS A 342 -0.41 8.25 -15.93
CA CYS A 342 -1.79 7.68 -16.09
C CYS A 342 -2.87 8.76 -15.81
N PHE A 343 -4.11 8.33 -15.62
CA PHE A 343 -5.34 9.17 -15.70
C PHE A 343 -5.37 10.24 -14.59
N ASP A 344 -5.45 11.52 -15.00
CA ASP A 344 -5.24 12.71 -14.14
C ASP A 344 -6.57 13.39 -13.75
N LYS A 345 -7.67 13.12 -14.45
CA LYS A 345 -8.95 13.88 -14.31
C LYS A 345 -9.86 13.34 -13.20
N PHE A 346 -9.41 12.42 -12.34
CA PHE A 346 -10.16 12.02 -11.13
C PHE A 346 -9.36 12.41 -9.86
N LYS A 347 -10.05 12.58 -8.73
CA LYS A 347 -9.41 12.60 -7.39
C LYS A 347 -8.56 11.32 -7.25
N VAL A 348 -7.25 11.48 -7.01
CA VAL A 348 -6.24 10.39 -6.90
C VAL A 348 -6.23 9.83 -5.46
N ASN A 349 -6.40 8.51 -5.32
CA ASN A 349 -6.10 7.71 -4.10
C ASN A 349 -7.17 7.97 -3.02
N SER A 350 -8.44 8.02 -3.44
CA SER A 350 -9.61 8.13 -2.54
C SER A 350 -10.37 6.81 -2.57
N THR A 351 -9.76 5.79 -1.99
CA THR A 351 -10.28 4.40 -1.86
C THR A 351 -11.80 4.35 -1.63
N LEU A 352 -12.40 5.36 -1.04
CA LEU A 352 -13.80 5.30 -0.52
C LEU A 352 -14.79 5.90 -1.51
N GLU A 353 -14.34 6.39 -2.67
CA GLU A 353 -15.23 6.87 -3.76
C GLU A 353 -16.10 5.69 -4.26
N GLN A 354 -17.31 5.97 -4.72
CA GLN A 354 -18.26 4.95 -5.26
C GLN A 354 -17.59 4.17 -6.41
N TYR A 355 -16.76 4.86 -7.20
CA TYR A 355 -16.09 4.33 -8.42
C TYR A 355 -14.57 4.47 -8.26
N VAL A 356 -13.92 3.30 -8.21
CA VAL A 356 -12.47 3.15 -7.96
C VAL A 356 -11.86 2.43 -9.18
N PHE A 357 -10.84 3.07 -9.74
CA PHE A 357 -10.15 2.66 -10.99
C PHE A 357 -8.69 2.41 -10.60
N CYS A 358 -8.27 1.15 -10.68
CA CYS A 358 -7.02 0.65 -10.03
C CYS A 358 -6.50 -0.63 -10.68
N THR A 359 -5.21 -0.62 -11.04
CA THR A 359 -4.50 -1.83 -11.51
C THR A 359 -4.54 -2.89 -10.41
N VAL A 360 -4.58 -4.16 -10.81
CA VAL A 360 -4.62 -5.35 -9.91
C VAL A 360 -3.52 -5.22 -8.85
N ASN A 361 -2.33 -4.76 -9.25
CA ASN A 361 -1.13 -4.83 -8.37
C ASN A 361 -1.23 -3.76 -7.29
N ALA A 362 -2.08 -2.74 -7.48
CA ALA A 362 -2.24 -1.58 -6.57
C ALA A 362 -3.56 -1.66 -5.77
N LEU A 363 -4.40 -2.66 -5.97
CA LEU A 363 -5.72 -2.75 -5.30
C LEU A 363 -5.55 -2.62 -3.78
N PRO A 364 -6.41 -1.83 -3.12
CA PRO A 364 -6.46 -1.83 -1.66
C PRO A 364 -7.28 -3.04 -1.17
N GLU A 365 -7.23 -3.30 0.13
CA GLU A 365 -8.12 -4.28 0.80
C GLU A 365 -9.44 -3.57 1.06
N THR A 366 -10.49 -3.91 0.33
CA THR A 366 -11.80 -3.19 0.39
C THR A 366 -12.92 -4.13 -0.04
N THR A 367 -14.15 -3.61 -0.06
CA THR A 367 -15.37 -4.34 -0.47
C THR A 367 -16.02 -3.57 -1.61
N ALA A 368 -16.99 -4.18 -2.27
CA ALA A 368 -17.69 -3.58 -3.43
C ALA A 368 -18.97 -4.37 -3.71
N ASP A 369 -19.99 -3.69 -4.24
CA ASP A 369 -21.23 -4.34 -4.72
C ASP A 369 -20.91 -5.09 -6.03
N ILE A 370 -20.03 -4.50 -6.86
CA ILE A 370 -19.58 -5.09 -8.17
C ILE A 370 -18.09 -4.82 -8.34
N VAL A 371 -17.35 -5.87 -8.70
CA VAL A 371 -15.95 -5.77 -9.23
C VAL A 371 -16.04 -6.04 -10.74
N VAL A 372 -15.44 -5.15 -11.53
CA VAL A 372 -15.28 -5.32 -13.00
C VAL A 372 -13.79 -5.47 -13.28
N PHE A 373 -13.43 -6.65 -13.78
CA PHE A 373 -12.04 -7.02 -14.14
C PHE A 373 -11.99 -7.08 -15.66
N ASP A 374 -11.33 -6.10 -16.28
CA ASP A 374 -11.29 -5.91 -17.75
C ASP A 374 -9.99 -6.49 -18.31
N GLU A 375 -9.95 -6.68 -19.65
CA GLU A 375 -8.82 -7.22 -20.45
C GLU A 375 -8.35 -8.54 -19.84
N ILE A 376 -9.28 -9.49 -19.74
CA ILE A 376 -9.11 -10.68 -18.87
C ILE A 376 -8.13 -11.63 -19.56
N SER A 377 -7.97 -11.56 -20.89
CA SER A 377 -7.02 -12.46 -21.58
C SER A 377 -5.59 -12.18 -21.09
N MET A 378 -5.29 -10.95 -20.65
CA MET A 378 -3.96 -10.50 -20.18
C MET A 378 -3.71 -10.89 -18.71
N ALA A 379 -4.68 -11.45 -18.00
CA ALA A 379 -4.53 -11.76 -16.56
C ALA A 379 -3.94 -13.15 -16.47
N THR A 380 -3.17 -13.39 -15.41
CA THR A 380 -2.69 -14.73 -14.99
C THR A 380 -3.58 -15.23 -13.84
N ASN A 381 -3.48 -16.50 -13.51
CA ASN A 381 -4.17 -17.07 -12.32
C ASN A 381 -3.67 -16.36 -11.04
N TYR A 382 -2.43 -15.87 -11.02
CA TYR A 382 -1.90 -15.09 -9.89
C TYR A 382 -2.75 -13.82 -9.70
N ASP A 383 -2.94 -13.04 -10.77
CA ASP A 383 -3.80 -11.82 -10.79
C ASP A 383 -5.23 -12.15 -10.35
N LEU A 384 -5.87 -13.17 -10.94
CA LEU A 384 -7.24 -13.56 -10.55
C LEU A 384 -7.33 -13.77 -9.05
N SER A 385 -6.33 -14.46 -8.46
CA SER A 385 -6.25 -14.80 -7.01
C SER A 385 -6.17 -13.51 -6.18
N VAL A 386 -5.18 -12.67 -6.46
CA VAL A 386 -4.96 -11.35 -5.78
C VAL A 386 -6.28 -10.59 -5.73
N VAL A 387 -6.97 -10.42 -6.86
CA VAL A 387 -8.24 -9.65 -6.95
C VAL A 387 -9.22 -10.26 -5.94
N ASN A 388 -9.40 -11.58 -5.92
CA ASN A 388 -10.35 -12.25 -4.99
C ASN A 388 -9.93 -11.99 -3.53
N ALA A 389 -8.61 -11.90 -3.29
CA ALA A 389 -7.99 -11.75 -1.95
C ALA A 389 -8.16 -10.32 -1.42
N ARG A 390 -8.06 -9.31 -2.29
CA ARG A 390 -8.12 -7.87 -1.88
C ARG A 390 -9.57 -7.35 -1.90
N LEU A 391 -10.44 -7.88 -2.76
CA LEU A 391 -11.81 -7.35 -2.95
C LEU A 391 -12.85 -8.39 -2.55
N ARG A 392 -13.65 -8.05 -1.54
CA ARG A 392 -14.85 -8.80 -1.09
C ARG A 392 -16.06 -8.12 -1.73
N ALA A 393 -16.74 -8.82 -2.66
CA ALA A 393 -17.76 -8.25 -3.56
C ALA A 393 -19.00 -9.13 -3.64
N LYS A 394 -20.16 -8.52 -3.91
CA LYS A 394 -21.43 -9.24 -4.13
C LYS A 394 -21.40 -9.87 -5.52
N HIS A 395 -20.81 -9.17 -6.50
CA HIS A 395 -20.72 -9.61 -7.91
C HIS A 395 -19.34 -9.30 -8.50
N TYR A 396 -18.78 -10.28 -9.21
CA TYR A 396 -17.52 -10.20 -10.01
C TYR A 396 -17.87 -10.35 -11.50
N VAL A 397 -17.46 -9.38 -12.31
CA VAL A 397 -17.67 -9.41 -13.78
C VAL A 397 -16.31 -9.41 -14.46
N TYR A 398 -16.08 -10.44 -15.28
CA TYR A 398 -14.84 -10.65 -16.05
C TYR A 398 -15.10 -10.35 -17.52
N ILE A 399 -14.49 -9.25 -17.96
CA ILE A 399 -14.59 -8.76 -19.36
C ILE A 399 -13.27 -8.99 -20.11
N GLY A 400 -13.37 -9.59 -21.30
CA GLY A 400 -12.35 -9.47 -22.36
C GLY A 400 -12.63 -10.41 -23.52
N ASP A 401 -11.57 -11.01 -24.09
CA ASP A 401 -11.70 -11.86 -25.30
C ASP A 401 -10.56 -12.87 -25.34
N PRO A 402 -10.82 -14.17 -25.20
CA PRO A 402 -9.77 -15.17 -25.29
C PRO A 402 -9.23 -15.30 -26.74
N ALA A 403 -9.82 -14.62 -27.73
CA ALA A 403 -9.25 -14.58 -29.12
C ALA A 403 -8.25 -13.42 -29.25
N GLN A 404 -7.99 -12.70 -28.15
CA GLN A 404 -6.94 -11.68 -28.10
C GLN A 404 -5.75 -12.18 -27.29
N LEU A 405 -4.78 -11.30 -27.06
CA LEU A 405 -3.41 -11.69 -26.62
C LEU A 405 -3.36 -11.94 -25.12
N PRO A 406 -2.60 -12.98 -24.71
CA PRO A 406 -2.37 -13.26 -23.29
C PRO A 406 -1.15 -12.50 -22.75
N ALA A 407 -0.96 -12.51 -21.43
CA ALA A 407 0.26 -12.00 -20.77
C ALA A 407 1.43 -12.81 -21.31
N PRO A 408 2.56 -12.15 -21.66
CA PRO A 408 3.73 -12.88 -22.12
C PRO A 408 4.20 -13.79 -20.99
N ARG A 409 4.48 -15.05 -21.31
CA ARG A 409 5.11 -16.05 -20.40
C ARG A 409 6.61 -16.10 -20.74
N THR A 410 7.42 -15.31 -20.04
CA THR A 410 8.86 -15.11 -20.32
C THR A 410 9.65 -16.43 -20.23
N LEU A 411 9.16 -17.45 -19.50
CA LEU A 411 9.91 -18.74 -19.35
C LEU A 411 9.50 -19.74 -20.43
N LEU A 412 8.34 -19.55 -21.06
CA LEU A 412 7.79 -20.56 -22.01
C LEU A 412 8.51 -20.36 -23.34
N THR A 413 9.26 -21.38 -23.78
CA THR A 413 10.00 -21.42 -25.06
C THR A 413 9.51 -22.57 -25.94
N LYS A 414 8.91 -23.61 -25.36
CA LYS A 414 8.52 -24.84 -26.12
C LYS A 414 7.00 -25.05 -26.10
N GLY A 415 6.38 -25.05 -27.28
CA GLY A 415 4.92 -25.27 -27.42
C GLY A 415 4.19 -23.95 -27.46
N THR A 416 2.95 -23.97 -27.91
CA THR A 416 2.11 -22.74 -27.96
C THR A 416 1.02 -22.91 -26.90
N LEU A 417 0.73 -21.82 -26.21
CA LEU A 417 -0.33 -21.77 -25.17
C LEU A 417 -1.66 -21.36 -25.82
N GLU A 418 -2.59 -22.30 -25.92
CA GLU A 418 -3.96 -22.12 -26.44
C GLU A 418 -4.76 -21.23 -25.47
N PRO A 419 -5.72 -20.42 -26.01
CA PRO A 419 -6.57 -19.55 -25.20
C PRO A 419 -7.27 -20.21 -24.00
N GLU A 420 -7.67 -21.47 -24.12
CA GLU A 420 -8.31 -22.22 -23.02
C GLU A 420 -7.36 -22.44 -21.83
N TYR A 421 -6.09 -22.03 -21.88
CA TYR A 421 -5.12 -22.22 -20.77
C TYR A 421 -4.55 -20.89 -20.32
N PHE A 422 -5.09 -19.76 -20.80
CA PHE A 422 -4.62 -18.39 -20.46
C PHE A 422 -4.78 -18.15 -18.95
N ASN A 423 -5.93 -18.56 -18.41
CA ASN A 423 -6.33 -18.37 -16.98
C ASN A 423 -7.64 -19.09 -16.80
N SER A 424 -8.21 -19.07 -15.59
CA SER A 424 -9.45 -19.80 -15.24
C SER A 424 -10.65 -19.21 -16.00
N VAL A 425 -10.64 -17.91 -16.28
CA VAL A 425 -11.79 -17.22 -16.92
C VAL A 425 -11.77 -17.61 -18.41
N CYS A 426 -10.62 -17.52 -19.07
CA CYS A 426 -10.51 -17.89 -20.51
C CYS A 426 -10.81 -19.36 -20.69
N ARG A 427 -10.53 -20.19 -19.67
CA ARG A 427 -10.77 -21.65 -19.77
C ARG A 427 -12.27 -21.93 -19.76
N LEU A 428 -13.03 -21.27 -18.88
CA LEU A 428 -14.52 -21.33 -18.88
C LEU A 428 -15.03 -20.80 -20.24
N MET A 429 -14.57 -19.64 -20.72
CA MET A 429 -15.13 -19.04 -21.96
C MET A 429 -14.87 -19.99 -23.14
N LYS A 430 -13.78 -20.77 -23.12
CA LYS A 430 -13.42 -21.65 -24.26
C LYS A 430 -14.05 -23.04 -24.10
N THR A 431 -14.55 -23.37 -22.91
CA THR A 431 -15.08 -24.74 -22.63
C THR A 431 -16.62 -24.71 -22.61
N ILE A 432 -17.22 -24.04 -21.63
CA ILE A 432 -18.71 -23.93 -21.47
C ILE A 432 -19.25 -22.68 -22.19
N GLY A 433 -18.38 -21.83 -22.71
CA GLY A 433 -18.81 -20.57 -23.35
C GLY A 433 -18.87 -19.43 -22.33
N PRO A 434 -18.86 -18.17 -22.80
CA PRO A 434 -18.98 -17.03 -21.89
C PRO A 434 -20.45 -16.87 -21.45
N ASP A 435 -20.71 -16.14 -20.37
CA ASP A 435 -22.10 -15.90 -19.88
C ASP A 435 -22.80 -14.99 -20.90
N MET A 436 -22.02 -14.08 -21.48
CA MET A 436 -22.53 -13.00 -22.34
C MET A 436 -21.50 -12.78 -23.46
N PHE A 437 -21.96 -12.46 -24.66
CA PHE A 437 -21.13 -12.26 -25.88
C PHE A 437 -21.65 -11.03 -26.62
N LEU A 438 -20.82 -9.99 -26.76
CA LEU A 438 -21.14 -8.80 -27.60
C LEU A 438 -20.82 -9.15 -29.06
N GLY A 439 -21.85 -9.32 -29.89
CA GLY A 439 -21.75 -9.94 -31.22
C GLY A 439 -21.58 -8.98 -32.39
N THR A 440 -21.60 -7.66 -32.21
CA THR A 440 -21.53 -6.75 -33.37
C THR A 440 -20.35 -5.82 -33.20
N CYS A 441 -19.38 -5.95 -34.09
CA CYS A 441 -18.21 -5.04 -34.18
C CYS A 441 -18.65 -3.75 -34.86
N ARG A 442 -18.56 -2.62 -34.18
CA ARG A 442 -18.95 -1.31 -34.74
C ARG A 442 -17.69 -0.53 -35.12
N ARG A 443 -16.50 -1.07 -34.91
CA ARG A 443 -15.23 -0.35 -35.21
C ARG A 443 -14.82 -0.59 -36.67
N CYS A 444 -14.84 -1.84 -37.13
CA CYS A 444 -13.98 -2.27 -38.27
C CYS A 444 -14.76 -2.39 -39.56
N PRO A 445 -14.09 -2.08 -40.69
CA PRO A 445 -14.71 -2.28 -41.99
C PRO A 445 -15.09 -3.77 -42.14
N ALA A 446 -16.21 -4.06 -42.80
CA ALA A 446 -16.72 -5.43 -42.93
C ALA A 446 -15.62 -6.43 -43.37
N GLU A 447 -14.67 -6.01 -44.22
CA GLU A 447 -13.62 -6.93 -44.77
C GLU A 447 -12.86 -7.54 -43.59
N ILE A 448 -12.55 -6.74 -42.59
CA ILE A 448 -11.86 -7.14 -41.34
C ILE A 448 -12.77 -7.95 -40.43
N VAL A 449 -14.02 -7.56 -40.25
CA VAL A 449 -14.97 -8.27 -39.36
C VAL A 449 -15.23 -9.67 -39.93
N ASP A 450 -15.46 -9.77 -41.25
CA ASP A 450 -15.72 -11.07 -41.92
C ASP A 450 -14.48 -11.97 -41.75
N THR A 451 -13.26 -11.44 -41.92
CA THR A 451 -12.02 -12.25 -41.82
C THR A 451 -11.90 -12.84 -40.41
N VAL A 452 -11.89 -11.99 -39.37
CA VAL A 452 -11.66 -12.46 -37.98
C VAL A 452 -12.85 -13.30 -37.49
N SER A 453 -14.09 -13.00 -37.92
CA SER A 453 -15.29 -13.76 -37.48
C SER A 453 -15.10 -15.21 -37.84
N ALA A 454 -14.64 -15.46 -39.05
CA ALA A 454 -14.39 -16.83 -39.57
C ALA A 454 -13.18 -17.43 -38.84
N LEU A 455 -12.13 -16.63 -38.56
CA LEU A 455 -10.80 -17.09 -38.09
C LEU A 455 -10.91 -17.55 -36.63
N VAL A 456 -11.48 -16.75 -35.72
CA VAL A 456 -11.40 -17.04 -34.24
C VAL A 456 -12.76 -17.02 -33.56
N TYR A 457 -13.84 -16.59 -34.24
CA TYR A 457 -15.16 -16.32 -33.59
C TYR A 457 -16.25 -17.27 -34.11
N ASP A 458 -15.90 -18.34 -34.81
CA ASP A 458 -16.86 -19.34 -35.35
C ASP A 458 -18.00 -18.58 -36.06
N ASN A 459 -17.67 -17.55 -36.81
CA ASN A 459 -18.65 -16.86 -37.69
C ASN A 459 -19.77 -16.21 -36.87
N LYS A 460 -19.56 -15.95 -35.58
CA LYS A 460 -20.58 -15.36 -34.69
C LYS A 460 -20.40 -13.85 -34.57
N LEU A 461 -19.27 -13.27 -35.01
CA LEU A 461 -19.06 -11.80 -34.96
C LEU A 461 -19.66 -11.19 -36.23
N LYS A 462 -20.53 -10.19 -36.08
CA LYS A 462 -21.22 -9.53 -37.21
C LYS A 462 -20.63 -8.14 -37.43
N ALA A 463 -20.56 -7.70 -38.70
CA ALA A 463 -20.12 -6.35 -39.09
C ALA A 463 -21.28 -5.38 -38.93
N HIS A 464 -21.07 -4.22 -38.33
CA HIS A 464 -22.01 -3.09 -38.41
C HIS A 464 -21.65 -2.19 -39.59
N LYS A 465 -20.35 -1.89 -39.79
CA LYS A 465 -19.92 -1.01 -40.89
C LYS A 465 -20.05 -1.78 -42.20
N ASP A 466 -20.19 -1.04 -43.29
CA ASP A 466 -20.05 -1.57 -44.66
C ASP A 466 -18.58 -1.99 -44.83
N LYS A 467 -18.28 -2.74 -45.89
CA LYS A 467 -16.93 -2.83 -46.49
C LYS A 467 -16.42 -1.42 -46.76
N SER A 468 -15.20 -1.08 -46.36
CA SER A 468 -14.61 0.25 -46.62
C SER A 468 -14.04 0.36 -48.04
N ALA A 469 -13.73 -0.76 -48.69
CA ALA A 469 -12.89 -0.87 -49.93
C ALA A 469 -11.56 -0.11 -49.76
N GLN A 470 -11.09 0.02 -48.51
CA GLN A 470 -9.72 0.53 -48.19
C GLN A 470 -8.90 -0.52 -47.43
N CYS A 471 -9.22 -1.81 -47.61
CA CYS A 471 -8.52 -2.97 -46.99
C CYS A 471 -7.78 -3.71 -48.09
N PHE A 472 -6.44 -3.64 -48.07
CA PHE A 472 -5.56 -4.27 -49.07
C PHE A 472 -4.62 -5.29 -48.41
N LYS A 473 -4.29 -6.34 -49.16
CA LYS A 473 -3.29 -7.36 -48.79
C LYS A 473 -2.29 -7.48 -49.93
N MET A 474 -1.02 -7.71 -49.60
CA MET A 474 0.00 -8.03 -50.62
C MET A 474 0.89 -9.14 -50.06
N PHE A 475 1.10 -10.18 -50.86
CA PHE A 475 1.93 -11.34 -50.48
C PHE A 475 3.36 -11.04 -50.93
N TYR A 476 4.25 -10.77 -49.98
CA TYR A 476 5.65 -10.34 -50.24
C TYR A 476 6.57 -10.77 -49.09
N LYS A 477 7.23 -11.91 -49.25
CA LYS A 477 8.11 -12.53 -48.21
C LYS A 477 9.34 -11.63 -47.95
N GLY A 478 9.82 -10.87 -48.94
CA GLY A 478 10.92 -9.93 -48.67
C GLY A 478 12.17 -10.68 -48.21
N VAL A 479 12.94 -10.10 -47.29
CA VAL A 479 14.22 -10.65 -46.79
C VAL A 479 14.20 -10.45 -45.28
N ILE A 480 14.50 -11.50 -44.51
CA ILE A 480 14.41 -11.39 -43.03
C ILE A 480 15.84 -11.27 -42.47
N THR A 481 16.12 -10.14 -41.85
CA THR A 481 17.34 -9.86 -41.05
C THR A 481 16.92 -9.92 -39.58
N HIS A 482 17.87 -9.97 -38.66
CA HIS A 482 17.57 -10.07 -37.21
C HIS A 482 18.47 -9.13 -36.41
N ASP A 483 17.87 -8.48 -35.41
CA ASP A 483 18.57 -7.73 -34.35
C ASP A 483 18.51 -8.63 -33.12
N VAL A 484 19.50 -9.53 -32.99
CA VAL A 484 19.49 -10.70 -32.07
C VAL A 484 18.41 -11.66 -32.58
N SER A 485 17.28 -11.81 -31.87
CA SER A 485 16.14 -12.69 -32.26
C SER A 485 14.94 -11.88 -32.78
N SER A 486 14.95 -10.55 -32.61
CA SER A 486 13.88 -9.64 -33.13
C SER A 486 14.09 -9.51 -34.65
N ALA A 487 13.02 -9.69 -35.44
CA ALA A 487 13.11 -9.76 -36.91
C ALA A 487 12.92 -8.39 -37.55
N ILE A 488 13.49 -8.22 -38.73
CA ILE A 488 13.41 -6.99 -39.56
C ILE A 488 13.15 -7.46 -40.99
N ASN A 489 12.35 -6.73 -41.76
CA ASN A 489 12.07 -7.07 -43.17
C ASN A 489 12.09 -5.76 -43.95
N ARG A 490 13.28 -5.33 -44.36
CA ARG A 490 13.45 -4.01 -45.03
C ARG A 490 12.66 -4.00 -46.34
N PRO A 491 12.71 -5.04 -47.18
CA PRO A 491 11.93 -5.00 -48.42
C PRO A 491 10.41 -4.79 -48.17
N GLN A 492 9.85 -5.35 -47.09
CA GLN A 492 8.43 -5.13 -46.71
C GLN A 492 8.21 -3.65 -46.37
N ILE A 493 9.16 -3.04 -45.68
CA ILE A 493 9.08 -1.59 -45.39
C ILE A 493 9.20 -0.78 -46.69
N GLY A 494 9.96 -1.28 -47.67
CA GLY A 494 10.14 -0.65 -48.99
C GLY A 494 8.87 -0.67 -49.80
N VAL A 495 8.18 -1.81 -49.81
CA VAL A 495 6.83 -1.95 -50.41
C VAL A 495 5.86 -0.94 -49.78
N VAL A 496 5.91 -0.73 -48.47
CA VAL A 496 5.03 0.24 -47.78
C VAL A 496 5.37 1.65 -48.31
N ARG A 497 6.63 2.06 -48.21
CA ARG A 497 7.12 3.37 -48.70
C ARG A 497 6.54 3.62 -50.09
N GLU A 498 6.61 2.63 -50.99
CA GLU A 498 6.14 2.79 -52.40
C GLU A 498 4.63 3.05 -52.40
N PHE A 499 3.89 2.32 -51.56
CA PHE A 499 2.41 2.41 -51.45
C PHE A 499 2.00 3.80 -50.97
N LEU A 500 2.74 4.34 -50.00
CA LEU A 500 2.44 5.65 -49.39
C LEU A 500 2.53 6.76 -50.44
N THR A 501 3.54 6.74 -51.32
CA THR A 501 3.70 7.79 -52.38
C THR A 501 2.47 7.80 -53.29
N ARG A 502 1.74 6.68 -53.42
CA ARG A 502 0.60 6.53 -54.36
C ARG A 502 -0.74 6.61 -53.61
N ASN A 503 -0.72 6.65 -52.28
CA ASN A 503 -1.92 6.57 -51.42
C ASN A 503 -1.80 7.57 -50.27
N PRO A 504 -1.64 8.89 -50.54
CA PRO A 504 -1.26 9.88 -49.51
C PRO A 504 -2.25 10.07 -48.36
N ALA A 505 -3.48 9.53 -48.48
CA ALA A 505 -4.46 9.46 -47.37
C ALA A 505 -3.92 8.58 -46.23
N TRP A 506 -2.94 7.71 -46.52
CA TRP A 506 -2.40 6.74 -45.54
C TRP A 506 -1.22 7.33 -44.79
N ARG A 507 -0.87 8.60 -45.05
CA ARG A 507 0.28 9.29 -44.41
C ARG A 507 0.06 9.28 -42.89
N LYS A 508 -1.21 9.25 -42.49
CA LYS A 508 -1.69 9.32 -41.09
C LYS A 508 -1.67 7.90 -40.47
N ALA A 509 -1.38 6.85 -41.23
CA ALA A 509 -1.50 5.44 -40.78
C ALA A 509 -0.60 5.19 -39.57
N VAL A 510 -1.00 4.27 -38.70
CA VAL A 510 -0.15 3.66 -37.67
C VAL A 510 0.51 2.41 -38.27
N PHE A 511 1.84 2.31 -38.20
CA PHE A 511 2.63 1.13 -38.65
C PHE A 511 2.64 0.09 -37.53
N ILE A 512 2.22 -1.14 -37.83
CA ILE A 512 2.13 -2.26 -36.83
C ILE A 512 2.88 -3.46 -37.39
N SER A 513 3.65 -4.11 -36.53
CA SER A 513 4.38 -5.36 -36.85
C SER A 513 4.47 -6.21 -35.59
N PRO A 514 4.71 -7.50 -35.72
CA PRO A 514 4.93 -8.33 -34.52
C PRO A 514 6.33 -8.14 -33.87
N TYR A 515 7.13 -7.15 -34.28
CA TYR A 515 8.55 -7.02 -33.85
C TYR A 515 8.97 -5.56 -33.68
N ASN A 516 9.54 -5.24 -32.50
CA ASN A 516 10.06 -3.89 -32.15
C ASN A 516 11.12 -3.47 -33.15
N SER A 517 11.99 -4.38 -33.57
CA SER A 517 13.13 -4.02 -34.42
C SER A 517 12.61 -3.59 -35.80
N GLN A 518 11.66 -4.32 -36.36
CA GLN A 518 10.91 -3.93 -37.60
C GLN A 518 10.31 -2.53 -37.40
N ASN A 519 9.69 -2.29 -36.25
CA ASN A 519 9.04 -0.99 -35.92
C ASN A 519 10.13 0.10 -35.88
N ALA A 520 11.31 -0.19 -35.32
CA ALA A 520 12.42 0.77 -35.22
C ALA A 520 12.85 1.19 -36.61
N VAL A 521 12.97 0.24 -37.54
CA VAL A 521 13.39 0.51 -38.94
C VAL A 521 12.27 1.28 -39.66
N ALA A 522 11.02 0.83 -39.55
CA ALA A 522 9.86 1.52 -40.18
C ALA A 522 9.79 2.97 -39.69
N SER A 523 10.07 3.22 -38.42
CA SER A 523 10.04 4.56 -37.80
C SER A 523 10.99 5.52 -38.58
N LYS A 524 12.27 5.16 -38.74
CA LYS A 524 13.30 5.93 -39.48
C LYS A 524 12.92 6.08 -40.97
N ILE A 525 12.44 5.04 -41.64
CA ILE A 525 12.30 5.08 -43.13
C ILE A 525 10.96 5.73 -43.50
N LEU A 526 9.88 5.43 -42.77
CA LEU A 526 8.49 5.85 -43.10
C LEU A 526 8.10 7.10 -42.30
N GLY A 527 8.61 7.26 -41.08
CA GLY A 527 8.23 8.36 -40.17
C GLY A 527 6.82 8.21 -39.61
N LEU A 528 6.11 7.10 -39.89
CA LEU A 528 4.78 6.80 -39.30
C LEU A 528 4.98 6.52 -37.82
N PRO A 529 3.97 6.79 -36.95
CA PRO A 529 4.01 6.28 -35.59
C PRO A 529 3.95 4.76 -35.68
N THR A 530 4.39 4.10 -34.63
CA THR A 530 4.80 2.68 -34.64
C THR A 530 4.18 1.99 -33.41
N GLN A 531 3.83 0.72 -33.54
CA GLN A 531 3.12 -0.02 -32.49
C GLN A 531 3.37 -1.51 -32.73
N THR A 532 3.78 -2.27 -31.71
CA THR A 532 3.78 -3.76 -31.80
C THR A 532 2.32 -4.17 -31.75
N VAL A 533 2.00 -5.39 -32.18
CA VAL A 533 0.62 -5.91 -32.10
C VAL A 533 0.19 -5.90 -30.63
N ASP A 534 1.04 -6.39 -29.74
CA ASP A 534 0.80 -6.54 -28.28
C ASP A 534 0.52 -5.14 -27.69
N SER A 535 1.37 -4.13 -27.94
CA SER A 535 1.15 -2.75 -27.43
C SER A 535 -0.09 -2.07 -28.10
N SER A 536 -0.56 -2.55 -29.27
CA SER A 536 -1.70 -1.95 -30.01
C SER A 536 -3.04 -2.41 -29.42
N GLN A 537 -3.08 -3.54 -28.71
CA GLN A 537 -4.33 -4.15 -28.16
C GLN A 537 -5.07 -3.13 -27.29
N GLY A 538 -6.39 -2.99 -27.47
CA GLY A 538 -7.22 -1.95 -26.82
C GLY A 538 -7.31 -0.62 -27.58
N SER A 539 -6.39 -0.35 -28.50
CA SER A 539 -6.36 0.92 -29.29
C SER A 539 -7.03 0.72 -30.65
N GLU A 540 -7.41 1.82 -31.29
CA GLU A 540 -8.00 1.84 -32.64
C GLU A 540 -7.45 3.06 -33.39
N TYR A 541 -7.37 2.95 -34.70
CA TYR A 541 -6.77 3.98 -35.58
C TYR A 541 -7.51 3.93 -36.90
N ASP A 542 -7.64 5.06 -37.57
CA ASP A 542 -8.32 5.16 -38.88
C ASP A 542 -7.64 4.20 -39.87
N TYR A 543 -6.33 4.28 -39.95
CA TYR A 543 -5.57 3.51 -40.95
C TYR A 543 -4.43 2.78 -40.26
N VAL A 544 -4.26 1.52 -40.65
CA VAL A 544 -3.18 0.64 -40.13
C VAL A 544 -2.40 0.10 -41.31
N ILE A 545 -1.07 0.11 -41.20
CA ILE A 545 -0.19 -0.66 -42.11
C ILE A 545 0.45 -1.73 -41.23
N PHE A 546 0.26 -3.00 -41.59
CA PHE A 546 0.85 -4.20 -40.94
C PHE A 546 1.79 -4.90 -41.91
N THR A 547 3.05 -5.05 -41.54
CA THR A 547 4.03 -5.98 -42.16
C THR A 547 4.22 -7.17 -41.24
N GLN A 548 3.90 -8.38 -41.72
CA GLN A 548 4.02 -9.62 -40.91
C GLN A 548 5.49 -9.90 -40.56
N THR A 549 6.43 -9.41 -41.35
CA THR A 549 7.91 -9.43 -41.10
C THR A 549 8.50 -10.83 -41.32
N THR A 550 7.97 -11.86 -40.67
CA THR A 550 8.48 -13.25 -40.74
C THR A 550 7.30 -14.21 -40.82
N GLU A 551 7.54 -15.45 -41.23
CA GLU A 551 6.66 -16.61 -41.01
C GLU A 551 7.27 -17.36 -39.84
N THR A 552 6.82 -17.01 -38.64
CA THR A 552 7.11 -17.72 -37.37
C THR A 552 5.82 -18.03 -36.64
N ALA A 553 5.87 -18.85 -35.61
CA ALA A 553 4.72 -19.17 -34.73
C ALA A 553 4.23 -17.86 -34.11
N HIS A 554 5.15 -17.02 -33.65
CA HIS A 554 4.88 -15.67 -33.11
C HIS A 554 4.08 -14.85 -34.13
N SER A 555 4.55 -14.75 -35.38
CA SER A 555 3.97 -13.84 -36.40
C SER A 555 2.71 -14.45 -37.04
N CYS A 556 2.50 -15.75 -36.90
CA CYS A 556 1.35 -16.46 -37.50
C CYS A 556 0.30 -16.82 -36.47
N ASN A 557 0.50 -16.42 -35.22
CA ASN A 557 -0.42 -16.72 -34.12
C ASN A 557 -1.75 -16.01 -34.48
N VAL A 558 -2.86 -16.76 -34.50
CA VAL A 558 -4.20 -16.27 -34.90
C VAL A 558 -4.72 -15.21 -33.94
N ASN A 559 -4.43 -15.31 -32.65
CA ASN A 559 -4.83 -14.27 -31.68
C ASN A 559 -4.10 -12.98 -32.04
N ARG A 560 -2.78 -13.03 -32.22
CA ARG A 560 -1.97 -11.82 -32.53
C ARG A 560 -2.49 -11.23 -33.83
N PHE A 561 -2.78 -12.07 -34.81
CA PHE A 561 -3.23 -11.62 -36.14
C PHE A 561 -4.60 -10.93 -36.00
N ASN A 562 -5.50 -11.52 -35.23
CA ASN A 562 -6.85 -10.99 -34.92
C ASN A 562 -6.67 -9.56 -34.40
N VAL A 563 -5.89 -9.38 -33.36
CA VAL A 563 -5.67 -8.03 -32.75
C VAL A 563 -5.12 -7.08 -33.82
N ALA A 564 -4.08 -7.50 -34.53
CA ALA A 564 -3.36 -6.63 -35.49
C ALA A 564 -4.37 -5.97 -36.45
N ILE A 565 -5.30 -6.72 -37.06
CA ILE A 565 -6.07 -6.19 -38.22
C ILE A 565 -7.34 -5.50 -37.72
N THR A 566 -7.80 -5.78 -36.49
CA THR A 566 -9.00 -5.20 -35.85
C THR A 566 -8.65 -3.88 -35.15
N ARG A 567 -7.45 -3.36 -35.32
CA ARG A 567 -7.14 -2.01 -34.78
C ARG A 567 -7.78 -0.95 -35.70
N ALA A 568 -8.09 -1.31 -36.95
CA ALA A 568 -8.38 -0.34 -38.03
C ALA A 568 -9.88 0.01 -38.05
N LYS A 569 -10.17 1.29 -38.21
CA LYS A 569 -11.55 1.86 -38.31
C LYS A 569 -11.96 2.06 -39.78
N VAL A 570 -11.02 2.29 -40.68
CA VAL A 570 -11.31 2.70 -42.08
C VAL A 570 -10.51 1.83 -43.08
N GLY A 571 -9.18 1.89 -43.00
CA GLY A 571 -8.30 1.15 -43.91
C GLY A 571 -7.25 0.31 -43.19
N ILE A 572 -6.85 -0.78 -43.83
CA ILE A 572 -5.66 -1.58 -43.45
C ILE A 572 -4.93 -2.05 -44.71
N LEU A 573 -3.59 -2.00 -44.66
CA LEU A 573 -2.68 -2.65 -45.63
C LEU A 573 -1.91 -3.72 -44.88
N CYS A 574 -2.02 -4.98 -45.29
CA CYS A 574 -1.29 -6.13 -44.74
C CYS A 574 -0.28 -6.59 -45.78
N ILE A 575 1.01 -6.41 -45.50
CA ILE A 575 2.11 -7.05 -46.27
C ILE A 575 2.38 -8.36 -45.55
N MET A 576 2.05 -9.48 -46.19
CA MET A 576 2.03 -10.83 -45.56
C MET A 576 3.20 -11.71 -46.02
N SER A 577 3.61 -12.59 -45.10
CA SER A 577 4.69 -13.59 -45.31
C SER A 577 4.10 -15.00 -45.37
N ASP A 578 2.93 -15.19 -44.80
CA ASP A 578 2.27 -16.52 -44.64
C ASP A 578 1.10 -16.65 -45.60
N ARG A 579 1.10 -17.75 -46.36
CA ARG A 579 0.13 -18.01 -47.44
C ARG A 579 -1.27 -18.13 -46.84
N ASP A 580 -1.39 -18.94 -45.79
CA ASP A 580 -2.67 -19.29 -45.13
C ASP A 580 -3.34 -17.98 -44.70
N LEU A 581 -2.64 -17.16 -43.92
CA LEU A 581 -3.24 -15.94 -43.37
C LEU A 581 -3.48 -14.94 -44.51
N TYR A 582 -2.58 -14.85 -45.50
CA TYR A 582 -2.81 -14.02 -46.72
C TYR A 582 -4.13 -14.43 -47.38
N ASP A 583 -4.34 -15.73 -47.62
CA ASP A 583 -5.53 -16.23 -48.36
C ASP A 583 -6.81 -15.93 -47.54
N LYS A 584 -6.76 -16.06 -46.22
CA LYS A 584 -7.95 -15.83 -45.36
C LYS A 584 -8.32 -14.33 -45.34
N LEU A 585 -7.38 -13.41 -45.55
CA LEU A 585 -7.75 -11.97 -45.54
C LEU A 585 -8.76 -11.72 -46.66
N GLN A 586 -9.98 -11.34 -46.31
CA GLN A 586 -11.02 -11.04 -47.33
C GLN A 586 -10.83 -9.61 -47.83
N PHE A 587 -9.65 -9.31 -48.41
CA PHE A 587 -9.20 -7.95 -48.78
C PHE A 587 -8.98 -7.89 -50.31
N THR A 588 -8.94 -6.70 -50.85
CA THR A 588 -8.44 -6.50 -52.24
C THR A 588 -6.92 -6.75 -52.26
N SER A 589 -6.44 -7.53 -53.24
CA SER A 589 -5.00 -7.82 -53.35
C SER A 589 -4.37 -6.82 -54.31
N LEU A 590 -3.17 -6.36 -53.94
CA LEU A 590 -2.36 -5.41 -54.71
C LEU A 590 -1.27 -6.19 -55.44
N GLU A 591 -0.80 -5.63 -56.55
CA GLU A 591 0.36 -6.17 -57.31
C GLU A 591 1.61 -5.33 -57.01
N ILE A 592 2.77 -6.02 -57.09
CA ILE A 592 4.20 -5.53 -57.23
C ILE A 592 5.04 -6.45 -56.33
N VAL B 2 -26.25 3.32 4.60
CA VAL B 2 -27.07 2.84 5.77
C VAL B 2 -26.14 2.25 6.84
N GLY B 3 -26.32 2.66 8.11
CA GLY B 3 -25.42 2.31 9.21
C GLY B 3 -26.07 2.66 10.54
N ALA B 4 -25.29 2.70 11.62
CA ALA B 4 -25.76 2.90 13.01
C ALA B 4 -25.48 4.33 13.50
N CYS B 5 -26.44 4.92 14.21
CA CYS B 5 -26.41 6.32 14.67
C CYS B 5 -25.32 6.50 15.73
N VAL B 6 -24.29 7.32 15.46
CA VAL B 6 -23.08 7.53 16.33
C VAL B 6 -23.44 7.86 17.77
N LEU B 7 -24.63 8.37 18.01
CA LEU B 7 -25.04 8.77 19.38
C LEU B 7 -25.93 7.69 20.03
N CYS B 8 -26.83 7.10 19.24
CA CYS B 8 -27.92 6.18 19.67
C CYS B 8 -27.52 4.73 19.46
N ASN B 9 -27.14 4.42 18.21
CA ASN B 9 -26.88 3.07 17.65
C ASN B 9 -27.98 2.77 16.64
N SER B 10 -29.20 3.30 16.87
CA SER B 10 -30.39 3.19 15.99
C SER B 10 -29.95 3.18 14.53
N GLN B 11 -30.36 2.17 13.76
CA GLN B 11 -30.07 2.04 12.30
C GLN B 11 -30.67 3.27 11.64
N THR B 12 -30.03 3.82 10.59
CA THR B 12 -30.58 4.92 9.75
C THR B 12 -30.05 4.83 8.32
N SER B 13 -30.64 5.63 7.44
CA SER B 13 -30.19 5.93 6.05
C SER B 13 -29.64 7.36 6.00
N LEU B 14 -29.38 7.96 7.18
CA LEU B 14 -28.97 9.39 7.29
C LEU B 14 -27.52 9.55 7.76
N ARG B 15 -26.69 10.16 6.90
CA ARG B 15 -25.36 10.78 7.22
C ARG B 15 -25.44 12.31 7.05
N CYS B 16 -25.09 13.10 8.08
CA CYS B 16 -24.84 14.57 7.96
C CYS B 16 -23.76 14.84 6.92
N GLY B 17 -24.10 15.58 5.87
CA GLY B 17 -23.22 15.88 4.73
C GLY B 17 -22.38 17.13 4.96
N ALA B 18 -22.63 17.87 6.04
CA ALA B 18 -21.83 19.06 6.40
C ALA B 18 -20.63 18.64 7.27
N CYS B 19 -20.81 17.66 8.16
CA CYS B 19 -19.72 16.94 8.87
C CYS B 19 -18.72 16.39 7.85
N ILE B 20 -17.41 16.60 8.05
CA ILE B 20 -16.38 16.17 7.05
C ILE B 20 -16.32 14.64 7.01
N ARG B 21 -16.73 13.97 8.09
CA ARG B 21 -16.68 12.48 8.22
C ARG B 21 -18.04 11.78 7.99
N ARG B 22 -19.13 12.51 7.76
CA ARG B 22 -20.47 11.98 7.37
C ARG B 22 -20.92 10.90 8.34
N PRO B 23 -21.01 11.12 9.75
CA PRO B 23 -21.48 10.23 11.09
C PRO B 23 -22.92 9.86 10.70
N PHE B 24 -23.25 8.57 10.69
CA PHE B 24 -24.65 8.06 10.62
C PHE B 24 -25.40 8.69 11.80
N LEU B 25 -26.58 9.24 11.52
CA LEU B 25 -27.45 9.88 12.56
C LEU B 25 -28.88 9.32 12.46
N CYS B 26 -29.47 8.95 13.61
CA CYS B 26 -30.89 8.52 13.65
C CYS B 26 -31.80 9.74 13.48
N CYS B 27 -33.03 9.50 13.03
CA CYS B 27 -34.00 10.56 12.67
C CYS B 27 -34.02 11.62 13.77
N LYS B 28 -34.09 11.24 15.05
CA LYS B 28 -34.19 12.22 16.19
C LYS B 28 -32.83 12.94 16.42
N CYS B 29 -31.71 12.19 16.34
CA CYS B 29 -30.33 12.70 16.56
C CYS B 29 -29.91 13.57 15.36
N CYS B 30 -30.12 13.13 14.13
CA CYS B 30 -29.87 13.92 12.90
C CYS B 30 -30.62 15.27 12.97
N TYR B 31 -31.93 15.26 13.30
CA TYR B 31 -32.79 16.47 13.41
C TYR B 31 -32.20 17.38 14.48
N ASP B 32 -31.95 16.85 15.68
CA ASP B 32 -31.39 17.66 16.79
C ASP B 32 -30.05 18.27 16.35
N HIS B 33 -29.29 17.64 15.43
CA HIS B 33 -27.98 18.12 14.90
C HIS B 33 -28.20 19.33 13.97
N VAL B 34 -28.99 19.14 12.92
CA VAL B 34 -29.24 20.18 11.87
C VAL B 34 -29.93 21.41 12.50
N ILE B 35 -30.78 21.25 13.52
CA ILE B 35 -31.57 22.39 14.10
C ILE B 35 -30.70 23.18 15.07
N SER B 36 -29.60 22.62 15.59
CA SER B 36 -28.76 23.30 16.62
C SER B 36 -27.39 23.73 16.06
N THR B 37 -27.08 23.46 14.78
CA THR B 37 -25.81 23.87 14.12
C THR B 37 -26.11 24.51 12.76
N SER B 38 -25.06 24.93 12.05
CA SER B 38 -25.06 25.44 10.65
C SER B 38 -25.09 24.28 9.66
N HIS B 39 -24.93 23.06 10.15
CA HIS B 39 -24.93 21.83 9.31
C HIS B 39 -26.37 21.58 8.83
N LYS B 40 -26.66 21.71 7.55
CA LYS B 40 -28.05 21.45 7.08
C LYS B 40 -28.07 20.44 5.95
N LEU B 41 -26.94 20.12 5.30
CA LEU B 41 -26.96 19.09 4.24
C LEU B 41 -27.11 17.72 4.91
N VAL B 42 -28.07 16.91 4.45
CA VAL B 42 -28.31 15.51 4.95
C VAL B 42 -28.20 14.57 3.74
N LEU B 43 -27.39 13.51 3.89
CA LEU B 43 -27.12 12.47 2.86
C LEU B 43 -27.87 11.17 3.21
N SER B 44 -28.48 10.54 2.20
CA SER B 44 -29.13 9.21 2.29
C SER B 44 -28.53 8.27 1.25
N VAL B 45 -29.36 7.75 0.32
CA VAL B 45 -28.91 7.08 -0.94
C VAL B 45 -28.38 8.20 -1.85
N ASN B 46 -29.19 9.22 -2.07
CA ASN B 46 -28.82 10.47 -2.75
C ASN B 46 -28.64 11.55 -1.68
N PRO B 47 -28.16 12.76 -2.05
CA PRO B 47 -28.19 13.91 -1.16
C PRO B 47 -29.57 14.59 -1.16
N TYR B 48 -30.06 14.93 0.05
CA TYR B 48 -31.24 15.80 0.26
C TYR B 48 -30.89 17.22 -0.19
N VAL B 49 -31.06 17.45 -1.49
CA VAL B 49 -30.79 18.73 -2.21
C VAL B 49 -31.97 18.90 -3.19
N CYS B 50 -32.29 20.13 -3.59
CA CYS B 50 -33.34 20.39 -4.61
C CYS B 50 -32.86 19.83 -5.94
N ASN B 51 -33.66 18.97 -6.59
CA ASN B 51 -33.30 18.31 -7.88
C ASN B 51 -33.76 19.19 -9.06
N ALA B 52 -34.37 20.35 -8.81
CA ALA B 52 -34.80 21.32 -9.85
C ALA B 52 -33.56 21.93 -10.49
N PRO B 53 -33.53 22.08 -11.84
CA PRO B 53 -32.37 22.64 -12.54
C PRO B 53 -31.95 24.04 -12.08
N GLY B 54 -30.66 24.21 -11.71
CA GLY B 54 -30.06 25.50 -11.31
C GLY B 54 -30.65 26.05 -10.02
N CYS B 55 -31.11 25.18 -9.10
CA CYS B 55 -31.58 25.53 -7.73
C CYS B 55 -30.50 25.13 -6.72
N ASP B 56 -30.20 26.02 -5.78
CA ASP B 56 -29.03 25.92 -4.89
C ASP B 56 -29.48 25.43 -3.50
N VAL B 57 -30.76 25.14 -3.30
CA VAL B 57 -31.27 24.77 -1.94
C VAL B 57 -30.73 23.38 -1.60
N THR B 58 -29.99 23.31 -0.48
CA THR B 58 -29.35 22.10 0.11
C THR B 58 -29.83 21.92 1.57
N ASP B 59 -30.36 22.98 2.20
CA ASP B 59 -30.85 22.98 3.60
C ASP B 59 -32.02 22.00 3.73
N VAL B 60 -31.89 20.99 4.61
CA VAL B 60 -32.88 19.90 4.80
C VAL B 60 -34.22 20.50 5.31
N THR B 61 -34.18 21.50 6.20
CA THR B 61 -35.38 22.13 6.79
C THR B 61 -36.20 22.87 5.71
N GLN B 62 -35.60 23.21 4.55
CA GLN B 62 -36.22 24.00 3.46
C GLN B 62 -36.59 23.11 2.26
N LEU B 63 -36.72 21.79 2.46
CA LEU B 63 -36.86 20.82 1.34
C LEU B 63 -37.95 19.80 1.65
N TYR B 64 -38.44 19.16 0.58
CA TYR B 64 -39.63 18.28 0.55
C TYR B 64 -39.40 17.14 -0.43
N LEU B 65 -39.78 15.91 -0.07
CA LEU B 65 -39.91 14.81 -1.06
C LEU B 65 -41.17 15.04 -1.91
N GLY B 66 -40.99 15.63 -3.10
CA GLY B 66 -42.06 15.94 -4.07
C GLY B 66 -42.21 14.85 -5.12
N GLY B 67 -42.61 13.65 -4.69
CA GLY B 67 -42.86 12.48 -5.55
C GLY B 67 -41.81 11.43 -5.35
N MET B 68 -40.71 11.52 -6.11
CA MET B 68 -39.56 10.58 -6.05
C MET B 68 -38.24 11.34 -5.83
N SER B 69 -38.17 12.59 -6.27
CA SER B 69 -37.02 13.52 -6.11
C SER B 69 -37.36 14.61 -5.09
N TYR B 70 -36.31 15.24 -4.51
CA TYR B 70 -36.40 16.26 -3.44
C TYR B 70 -36.47 17.66 -4.08
N TYR B 71 -37.33 18.53 -3.55
CA TYR B 71 -37.49 19.93 -4.03
C TYR B 71 -37.63 20.87 -2.82
N CYS B 72 -37.34 22.15 -3.04
CA CYS B 72 -37.54 23.25 -2.07
C CYS B 72 -38.99 23.73 -2.14
N LYS B 73 -39.31 24.74 -1.32
CA LYS B 73 -40.63 25.41 -1.26
C LYS B 73 -41.00 25.89 -2.67
N SER B 74 -40.05 26.49 -3.41
CA SER B 74 -40.26 27.15 -4.73
C SER B 74 -40.51 26.12 -5.85
N HIS B 75 -39.92 24.93 -5.78
CA HIS B 75 -39.94 23.95 -6.90
C HIS B 75 -40.64 22.65 -6.51
N LYS B 76 -41.34 22.61 -5.38
CA LYS B 76 -42.07 21.38 -4.96
C LYS B 76 -43.28 21.24 -5.89
N PRO B 77 -43.69 19.99 -6.20
CA PRO B 77 -44.99 19.74 -6.82
C PRO B 77 -46.14 19.90 -5.81
N PRO B 78 -47.41 19.96 -6.26
CA PRO B 78 -48.57 20.04 -5.35
C PRO B 78 -48.63 18.95 -4.27
N ILE B 79 -48.21 17.72 -4.60
CA ILE B 79 -48.16 16.57 -3.66
C ILE B 79 -46.69 16.40 -3.21
N SER B 80 -46.40 16.81 -1.96
CA SER B 80 -45.07 16.68 -1.30
C SER B 80 -45.22 16.62 0.23
N PHE B 81 -44.22 16.09 0.92
CA PHE B 81 -44.12 16.15 2.40
C PHE B 81 -42.71 16.61 2.80
N PRO B 82 -42.60 17.41 3.89
CA PRO B 82 -41.32 18.01 4.26
C PRO B 82 -40.42 16.92 4.86
N LEU B 83 -39.10 17.11 4.75
CA LEU B 83 -38.10 16.17 5.31
C LEU B 83 -38.00 16.30 6.84
N CYS B 84 -38.24 17.49 7.42
CA CYS B 84 -38.25 17.71 8.89
C CYS B 84 -39.70 17.81 9.40
N ALA B 85 -40.07 16.90 10.32
CA ALA B 85 -41.36 16.87 11.04
C ALA B 85 -41.20 16.09 12.35
N ASN B 86 -41.99 16.42 13.37
CA ASN B 86 -42.05 15.61 14.62
C ASN B 86 -40.63 15.41 15.18
N GLY B 87 -39.81 16.48 15.18
CA GLY B 87 -38.43 16.50 15.74
C GLY B 87 -37.55 15.42 15.14
N GLN B 88 -37.76 15.12 13.86
CA GLN B 88 -37.12 14.02 13.12
C GLN B 88 -36.89 14.40 11.65
N VAL B 89 -35.79 13.94 11.07
CA VAL B 89 -35.50 14.06 9.62
C VAL B 89 -35.98 12.75 8.97
N PHE B 90 -36.51 12.84 7.75
CA PHE B 90 -37.03 11.72 6.94
C PHE B 90 -35.86 10.92 6.37
N GLY B 91 -36.13 9.67 6.00
CA GLY B 91 -35.23 8.70 5.33
C GLY B 91 -35.66 7.29 5.68
N LEU B 92 -34.97 6.26 5.17
CA LEU B 92 -35.26 4.85 5.53
C LEU B 92 -35.14 4.66 7.06
N TYR B 93 -35.77 3.61 7.59
CA TYR B 93 -35.65 3.15 9.00
C TYR B 93 -36.01 4.29 9.97
N LYS B 94 -37.21 4.87 9.78
CA LYS B 94 -37.78 5.97 10.61
C LYS B 94 -38.54 5.39 11.81
N ASN B 95 -38.98 4.13 11.68
CA ASN B 95 -39.69 3.30 12.70
C ASN B 95 -38.71 2.96 13.85
N THR B 96 -37.48 2.57 13.47
CA THR B 96 -36.32 2.23 14.35
C THR B 96 -35.53 3.52 14.66
N CYS B 97 -35.75 4.09 15.87
CA CYS B 97 -35.25 5.42 16.31
C CYS B 97 -35.39 5.57 17.84
N VAL B 98 -34.40 6.17 18.53
CA VAL B 98 -34.37 6.30 20.02
C VAL B 98 -33.98 7.73 20.46
N GLY B 99 -32.97 8.35 19.83
CA GLY B 99 -32.52 9.74 20.08
C GLY B 99 -31.69 9.87 21.35
N SER B 100 -31.34 11.09 21.76
CA SER B 100 -30.49 11.38 22.96
C SER B 100 -31.06 12.50 23.84
N ASP B 101 -30.61 12.63 25.08
CA ASP B 101 -31.04 13.69 26.04
C ASP B 101 -30.53 15.05 25.53
N ASN B 102 -29.24 15.09 25.14
CA ASN B 102 -28.51 16.27 24.58
C ASN B 102 -27.48 15.76 23.57
N VAL B 103 -27.48 16.28 22.34
CA VAL B 103 -26.45 16.01 21.28
C VAL B 103 -25.35 17.08 21.39
N THR B 104 -25.19 17.69 22.57
CA THR B 104 -24.24 18.80 22.84
C THR B 104 -22.80 18.38 22.51
N ASP B 105 -22.31 17.26 23.07
CA ASP B 105 -20.92 16.75 22.89
C ASP B 105 -20.65 16.46 21.40
N PHE B 106 -21.55 15.79 20.69
CA PHE B 106 -21.39 15.49 19.25
C PHE B 106 -21.29 16.77 18.42
N ASN B 107 -22.11 17.79 18.72
CA ASN B 107 -22.18 19.02 17.89
C ASN B 107 -20.83 19.72 18.00
N ALA B 108 -20.27 19.77 19.20
CA ALA B 108 -18.98 20.42 19.50
C ALA B 108 -17.83 19.69 18.77
N ILE B 109 -17.94 18.38 18.54
CA ILE B 109 -16.89 17.59 17.85
C ILE B 109 -17.07 17.84 16.37
N ALA B 110 -18.31 17.91 15.90
CA ALA B 110 -18.65 18.05 14.47
C ALA B 110 -18.24 19.42 13.94
N THR B 111 -18.17 20.45 14.79
CA THR B 111 -18.03 21.87 14.41
C THR B 111 -16.77 22.54 14.99
N CYS B 112 -16.00 21.92 15.89
CA CYS B 112 -14.78 22.59 16.42
C CYS B 112 -13.71 22.64 15.31
N ASP B 113 -12.75 23.55 15.43
CA ASP B 113 -11.66 23.68 14.43
C ASP B 113 -10.37 23.03 14.96
N TRP B 114 -10.39 22.46 16.17
CA TRP B 114 -9.30 21.63 16.77
C TRP B 114 -8.07 22.48 17.07
N THR B 115 -8.24 23.80 17.31
CA THR B 115 -7.11 24.73 17.64
C THR B 115 -7.06 24.97 19.14
N ASN B 116 -8.07 24.54 19.90
CA ASN B 116 -8.14 24.70 21.38
C ASN B 116 -8.00 23.33 22.06
N ALA B 117 -7.28 23.26 23.18
CA ALA B 117 -7.03 22.04 23.96
C ALA B 117 -8.36 21.43 24.42
N GLY B 118 -9.38 22.28 24.64
CA GLY B 118 -10.73 21.88 25.10
C GLY B 118 -11.39 20.93 24.12
N ASP B 119 -11.01 21.01 22.85
CA ASP B 119 -11.52 20.10 21.78
C ASP B 119 -10.99 18.67 22.03
N TYR B 120 -9.72 18.57 22.41
CA TYR B 120 -8.98 17.28 22.60
C TYR B 120 -9.46 16.66 23.91
N ILE B 121 -9.75 17.51 24.91
CA ILE B 121 -10.26 17.06 26.23
C ILE B 121 -11.61 16.37 26.02
N LEU B 122 -12.49 16.96 25.21
CA LEU B 122 -13.83 16.42 24.87
C LEU B 122 -13.66 15.11 24.10
N ALA B 123 -12.67 15.02 23.20
CA ALA B 123 -12.53 13.85 22.30
C ALA B 123 -12.05 12.66 23.12
N ASN B 124 -11.57 12.93 24.32
CA ASN B 124 -11.04 11.87 25.20
C ASN B 124 -11.92 11.69 26.46
N THR B 125 -13.00 12.45 26.66
CA THR B 125 -13.89 12.26 27.85
C THR B 125 -15.32 11.94 27.41
N CYS B 126 -15.58 11.84 26.10
CA CYS B 126 -16.92 11.58 25.54
C CYS B 126 -17.14 10.08 25.53
N THR B 127 -18.20 9.59 24.87
CA THR B 127 -18.50 8.15 24.72
C THR B 127 -17.53 7.54 23.72
N GLU B 128 -17.42 6.21 23.70
CA GLU B 128 -16.45 5.52 22.80
C GLU B 128 -16.75 5.83 21.35
N ARG B 129 -18.02 5.78 20.93
CA ARG B 129 -18.42 6.01 19.53
C ARG B 129 -17.98 7.41 19.08
N LEU B 130 -18.07 8.39 19.96
CA LEU B 130 -17.68 9.80 19.70
C LEU B 130 -16.14 9.96 19.76
N LYS B 131 -15.44 9.15 20.58
CA LYS B 131 -13.95 9.10 20.57
C LYS B 131 -13.50 8.80 19.14
N LEU B 132 -14.16 7.87 18.48
CA LEU B 132 -13.79 7.48 17.09
C LEU B 132 -14.18 8.58 16.11
N PHE B 133 -15.38 9.12 16.27
CA PHE B 133 -15.83 10.22 15.38
C PHE B 133 -14.84 11.37 15.55
N ALA B 134 -14.52 11.73 16.78
CA ALA B 134 -13.55 12.82 17.09
C ALA B 134 -12.20 12.52 16.41
N ALA B 135 -11.69 11.29 16.53
CA ALA B 135 -10.35 10.90 16.04
C ALA B 135 -10.33 11.01 14.52
N GLU B 136 -11.35 10.47 13.87
CA GLU B 136 -11.46 10.56 12.39
C GLU B 136 -11.60 12.02 11.94
N THR B 137 -12.42 12.80 12.63
CA THR B 137 -12.78 14.18 12.22
C THR B 137 -11.53 15.05 12.30
N LEU B 138 -10.85 14.96 13.45
CA LEU B 138 -9.54 15.61 13.73
C LEU B 138 -8.48 15.21 12.69
N LYS B 139 -8.36 13.93 12.38
CA LYS B 139 -7.27 13.49 11.48
C LYS B 139 -7.54 14.01 10.07
N ALA B 140 -8.78 13.87 9.60
CA ALA B 140 -9.21 14.46 8.32
C ALA B 140 -8.94 15.97 8.33
N THR B 141 -9.16 16.67 9.45
CA THR B 141 -8.97 18.15 9.55
C THR B 141 -7.46 18.45 9.47
N GLU B 142 -6.64 17.68 10.17
CA GLU B 142 -5.16 17.79 10.15
C GLU B 142 -4.66 17.66 8.71
N GLU B 143 -5.05 16.61 7.97
CA GLU B 143 -4.60 16.36 6.56
C GLU B 143 -5.05 17.48 5.63
N THR B 144 -6.31 17.92 5.72
CA THR B 144 -6.91 18.99 4.86
C THR B 144 -6.13 20.29 5.08
N PHE B 145 -5.81 20.56 6.33
CA PHE B 145 -5.08 21.78 6.74
C PHE B 145 -3.69 21.84 6.06
N LYS B 146 -3.06 20.71 5.75
CA LYS B 146 -1.78 20.70 4.98
C LYS B 146 -1.93 21.26 3.55
N LEU B 147 -3.05 21.04 2.86
CA LEU B 147 -3.36 21.59 1.51
C LEU B 147 -3.46 23.12 1.60
N SER B 148 -3.60 23.70 2.81
CA SER B 148 -3.76 25.16 3.00
C SER B 148 -2.41 25.85 2.73
N TYR B 149 -1.31 25.12 2.84
CA TYR B 149 0.07 25.67 2.74
C TYR B 149 0.47 25.82 1.26
N GLY B 150 1.24 26.87 0.98
CA GLY B 150 1.76 27.14 -0.37
C GLY B 150 2.80 26.13 -0.80
N ILE B 151 2.83 25.81 -2.10
CA ILE B 151 3.92 25.01 -2.76
C ILE B 151 5.23 25.76 -2.55
N ALA B 152 6.31 25.08 -2.19
CA ALA B 152 7.68 25.64 -2.21
C ALA B 152 8.38 25.21 -3.51
N THR B 153 9.10 26.10 -4.17
CA THR B 153 9.78 25.77 -5.45
C THR B 153 11.25 26.15 -5.31
N VAL B 154 12.12 25.30 -5.88
CA VAL B 154 13.59 25.50 -5.99
C VAL B 154 13.85 26.62 -7.01
N ARG B 155 14.17 27.81 -6.53
CA ARG B 155 14.52 28.98 -7.36
C ARG B 155 15.94 28.78 -7.89
N GLU B 156 16.89 28.49 -7.00
CA GLU B 156 18.35 28.44 -7.27
C GLU B 156 18.98 27.44 -6.30
N VAL B 157 19.70 26.42 -6.80
CA VAL B 157 20.42 25.45 -5.93
C VAL B 157 21.76 26.08 -5.51
N LEU B 158 21.80 26.73 -4.35
CA LEU B 158 22.95 27.52 -3.85
C LEU B 158 24.19 26.63 -3.75
N SER B 159 24.01 25.40 -3.28
CA SER B 159 25.08 24.39 -3.08
C SER B 159 24.47 23.03 -2.77
N ASP B 160 25.26 22.12 -2.19
CA ASP B 160 24.76 20.91 -1.49
C ASP B 160 24.09 21.38 -0.19
N ARG B 161 23.18 20.56 0.34
CA ARG B 161 22.52 20.73 1.66
C ARG B 161 21.78 22.08 1.79
N GLU B 162 21.85 22.99 0.80
CA GLU B 162 21.26 24.36 0.88
C GLU B 162 20.58 24.76 -0.43
N LEU B 163 19.46 25.48 -0.31
CA LEU B 163 18.53 25.87 -1.41
C LEU B 163 18.05 27.31 -1.24
N HIS B 164 17.61 27.91 -2.35
CA HIS B 164 16.78 29.14 -2.39
C HIS B 164 15.37 28.70 -2.77
N LEU B 165 14.38 28.97 -1.91
CA LEU B 165 12.98 28.56 -2.19
C LEU B 165 12.16 29.78 -2.60
N SER B 166 11.26 29.55 -3.57
CA SER B 166 10.19 30.50 -3.95
C SER B 166 8.85 29.90 -3.49
N TRP B 167 8.01 30.72 -2.87
CA TRP B 167 6.76 30.26 -2.23
C TRP B 167 5.56 30.73 -3.05
N GLU B 168 4.54 29.88 -3.14
CA GLU B 168 3.24 30.20 -3.75
C GLU B 168 2.69 31.46 -3.07
N VAL B 169 2.16 32.42 -3.83
CA VAL B 169 1.63 33.70 -3.26
C VAL B 169 0.17 33.47 -2.86
N GLY B 170 -0.26 34.04 -1.74
CA GLY B 170 -1.69 34.03 -1.32
C GLY B 170 -2.07 32.79 -0.55
N LYS B 171 -1.08 31.96 -0.18
CA LYS B 171 -1.24 30.80 0.74
C LYS B 171 -0.11 30.90 1.75
N PRO B 172 -0.33 30.58 3.06
CA PRO B 172 0.73 30.67 4.05
C PRO B 172 1.80 29.59 3.88
N ARG B 173 2.98 29.84 4.44
CA ARG B 173 4.15 28.92 4.41
C ARG B 173 4.16 28.10 5.69
N PRO B 174 4.36 26.77 5.60
CA PRO B 174 4.42 25.91 6.78
C PRO B 174 5.65 26.25 7.60
N PRO B 175 5.61 26.04 8.94
CA PRO B 175 6.81 26.15 9.77
C PRO B 175 7.90 25.25 9.18
N LEU B 176 9.15 25.70 9.19
CA LEU B 176 10.29 24.95 8.59
C LEU B 176 11.07 24.27 9.71
N ASN B 177 10.56 23.13 10.20
CA ASN B 177 11.17 22.27 11.24
C ASN B 177 10.85 20.80 10.93
N ARG B 178 11.32 19.87 11.78
CA ARG B 178 11.31 18.40 11.50
C ARG B 178 9.87 17.87 11.46
N ASN B 179 8.97 18.46 12.26
CA ASN B 179 7.53 18.08 12.31
C ASN B 179 6.84 18.30 10.96
N TYR B 180 7.44 19.05 10.04
CA TYR B 180 6.88 19.32 8.69
C TYR B 180 7.78 18.63 7.66
N VAL B 181 7.36 17.43 7.22
CA VAL B 181 8.05 16.64 6.16
C VAL B 181 7.35 16.90 4.85
N PHE B 182 8.12 17.30 3.85
CA PHE B 182 7.71 17.65 2.46
C PHE B 182 7.99 16.46 1.55
N THR B 183 7.28 16.40 0.43
CA THR B 183 7.60 15.52 -0.72
C THR B 183 8.06 16.39 -1.89
N GLY B 184 9.21 16.09 -2.47
CA GLY B 184 9.72 16.75 -3.67
C GLY B 184 9.07 16.15 -4.90
N TYR B 185 9.15 16.84 -6.04
CA TYR B 185 8.56 16.43 -7.34
C TYR B 185 9.33 17.10 -8.49
N ARG B 186 9.60 16.35 -9.58
CA ARG B 186 10.27 16.84 -10.83
C ARG B 186 9.22 17.00 -11.94
N VAL B 187 9.25 18.15 -12.65
CA VAL B 187 8.19 18.59 -13.61
C VAL B 187 8.35 17.79 -14.90
N THR B 188 7.68 16.63 -15.02
CA THR B 188 7.79 15.71 -16.20
C THR B 188 6.81 16.13 -17.29
N LYS B 189 7.01 15.58 -18.49
CA LYS B 189 6.35 15.93 -19.77
C LYS B 189 4.97 16.55 -19.52
N ASN B 190 4.04 15.78 -18.93
CA ASN B 190 2.63 16.19 -18.74
C ASN B 190 2.12 15.74 -17.36
N SER B 191 3.02 15.54 -16.39
CA SER B 191 2.70 15.19 -14.98
C SER B 191 3.88 15.54 -14.07
N LYS B 192 4.09 14.77 -13.00
CA LYS B 192 5.17 14.98 -12.00
C LYS B 192 5.48 13.65 -11.31
N VAL B 193 6.72 13.43 -10.89
CA VAL B 193 7.17 12.17 -10.25
C VAL B 193 7.84 12.46 -8.90
N GLN B 194 7.42 11.71 -7.87
CA GLN B 194 7.90 11.86 -6.47
C GLN B 194 9.42 11.66 -6.48
N ILE B 195 10.16 12.54 -5.81
CA ILE B 195 11.65 12.57 -5.81
C ILE B 195 12.15 12.42 -4.36
N GLY B 196 11.34 11.82 -3.48
CA GLY B 196 11.66 11.50 -2.07
C GLY B 196 10.89 12.37 -1.08
N GLU B 197 11.18 12.21 0.22
CA GLU B 197 10.69 13.10 1.30
C GLU B 197 11.84 14.01 1.74
N TYR B 198 11.52 15.18 2.30
CA TYR B 198 12.48 16.26 2.66
C TYR B 198 11.95 17.03 3.87
N THR B 199 12.85 17.51 4.73
CA THR B 199 12.56 18.51 5.77
C THR B 199 13.43 19.75 5.48
N PHE B 200 13.11 20.89 6.11
CA PHE B 200 13.78 22.19 5.90
C PHE B 200 13.99 22.91 7.24
N GLU B 201 15.05 23.73 7.27
CA GLU B 201 15.51 24.62 8.37
C GLU B 201 16.12 25.87 7.74
N LYS B 202 15.91 27.06 8.35
CA LYS B 202 16.47 28.36 7.88
C LYS B 202 18.00 28.25 7.83
N GLY B 203 18.66 29.07 6.99
CA GLY B 203 20.13 29.15 6.87
C GLY B 203 20.66 30.54 7.21
N ALA B 208 16.65 31.28 1.63
CA ALA B 208 17.97 30.70 2.02
C ALA B 208 17.77 29.58 3.04
N VAL B 209 17.61 28.33 2.59
CA VAL B 209 17.18 27.18 3.45
C VAL B 209 18.14 25.99 3.33
N VAL B 210 18.14 25.17 4.39
CA VAL B 210 18.94 23.91 4.57
C VAL B 210 17.97 22.73 4.52
N TYR B 211 18.19 21.75 3.64
CA TYR B 211 17.30 20.57 3.43
C TYR B 211 17.98 19.29 3.90
N ARG B 212 17.21 18.38 4.53
CA ARG B 212 17.64 17.01 4.92
C ARG B 212 16.70 15.98 4.28
N GLY B 213 17.09 15.42 3.13
CA GLY B 213 16.25 14.57 2.27
C GLY B 213 16.33 13.08 2.60
N THR B 214 15.20 12.37 2.46
CA THR B 214 15.04 10.90 2.65
C THR B 214 15.81 10.12 1.58
N THR B 215 16.37 10.82 0.58
CA THR B 215 17.25 10.22 -0.46
C THR B 215 18.29 11.26 -0.86
N THR B 216 19.33 10.82 -1.57
CA THR B 216 20.37 11.68 -2.18
C THR B 216 19.97 11.92 -3.64
N TYR B 217 19.97 13.19 -4.07
CA TYR B 217 19.57 13.66 -5.42
C TYR B 217 20.31 14.96 -5.73
N LYS B 218 20.66 15.19 -6.99
CA LYS B 218 21.17 16.49 -7.47
C LYS B 218 19.96 17.36 -7.83
N LEU B 219 18.99 17.51 -6.90
CA LEU B 219 17.69 18.17 -7.17
C LEU B 219 17.97 19.53 -7.81
N ASN B 220 17.34 19.77 -8.96
CA ASN B 220 17.59 20.93 -9.87
C ASN B 220 16.46 21.96 -9.69
N VAL B 221 16.63 23.13 -10.30
CA VAL B 221 15.67 24.27 -10.29
C VAL B 221 14.29 23.78 -10.77
N GLY B 222 13.22 24.38 -10.26
CA GLY B 222 11.84 24.09 -10.70
C GLY B 222 11.25 22.86 -10.04
N ASP B 223 12.02 22.11 -9.24
CA ASP B 223 11.48 21.05 -8.34
C ASP B 223 10.67 21.73 -7.23
N TYR B 224 9.57 21.11 -6.79
CA TYR B 224 8.64 21.74 -5.82
C TYR B 224 8.31 20.75 -4.70
N PHE B 225 7.92 21.28 -3.55
CA PHE B 225 7.74 20.53 -2.28
C PHE B 225 6.37 20.83 -1.69
N VAL B 226 5.67 19.78 -1.27
CA VAL B 226 4.30 19.83 -0.70
C VAL B 226 4.28 18.83 0.46
N LEU B 227 3.66 19.20 1.57
CA LEU B 227 3.48 18.26 2.71
C LEU B 227 2.58 17.13 2.22
N THR B 228 3.01 15.87 2.34
CA THR B 228 2.19 14.72 1.87
C THR B 228 0.97 14.64 2.78
N SER B 229 -0.20 14.47 2.16
CA SER B 229 -1.57 14.52 2.74
C SER B 229 -2.31 13.24 2.32
N HIS B 230 -2.46 12.26 3.22
CA HIS B 230 -3.06 10.94 2.90
C HIS B 230 -4.56 10.92 3.25
N THR B 231 -5.32 10.08 2.54
CA THR B 231 -6.75 9.77 2.81
C THR B 231 -6.88 9.15 4.20
N VAL B 232 -7.76 9.67 5.03
CA VAL B 232 -8.10 9.14 6.37
C VAL B 232 -9.23 8.13 6.22
N MET B 233 -9.00 6.86 6.54
CA MET B 233 -10.07 5.84 6.46
C MET B 233 -10.96 5.96 7.70
N PRO B 234 -12.22 5.47 7.62
CA PRO B 234 -13.13 5.43 8.76
C PRO B 234 -12.66 4.40 9.79
N LEU B 235 -12.95 4.70 11.04
CA LEU B 235 -12.61 3.80 12.17
C LEU B 235 -13.81 2.89 12.44
N SER B 236 -13.59 1.78 13.12
CA SER B 236 -14.70 0.85 13.41
C SER B 236 -14.54 0.29 14.81
N ALA B 237 -13.33 -0.13 15.17
CA ALA B 237 -13.02 -0.72 16.47
C ALA B 237 -12.86 0.37 17.53
N PRO B 238 -13.11 0.10 18.91
CA PRO B 238 -12.97 0.92 20.35
C PRO B 238 -11.45 1.15 20.36
N THR B 239 -11.10 2.24 20.97
CA THR B 239 -9.70 2.58 21.29
C THR B 239 -9.15 1.56 22.29
N LEU B 240 -10.03 1.00 23.10
CA LEU B 240 -9.74 -0.14 24.01
C LEU B 240 -10.84 -1.17 23.84
N VAL B 241 -10.49 -2.44 23.73
CA VAL B 241 -11.47 -3.55 23.87
C VAL B 241 -11.98 -3.51 25.29
N PRO B 242 -13.12 -4.17 25.61
CA PRO B 242 -13.59 -4.25 26.98
C PRO B 242 -12.59 -5.07 27.82
N GLN B 243 -12.19 -4.52 28.98
CA GLN B 243 -11.29 -5.17 29.94
C GLN B 243 -11.88 -6.48 30.46
N GLU B 244 -11.01 -7.44 30.76
CA GLU B 244 -11.37 -8.74 31.37
C GLU B 244 -10.25 -9.13 32.33
N HIS B 245 -10.58 -9.39 33.58
CA HIS B 245 -9.64 -9.91 34.60
C HIS B 245 -9.85 -11.40 34.71
N TYR B 246 -8.77 -12.14 34.87
CA TYR B 246 -8.79 -13.61 34.86
C TYR B 246 -8.22 -14.05 36.20
N VAL B 247 -8.56 -15.27 36.53
CA VAL B 247 -8.21 -15.94 37.81
C VAL B 247 -6.88 -16.69 37.57
N ARG B 248 -6.58 -17.01 36.31
CA ARG B 248 -5.39 -17.78 35.87
C ARG B 248 -4.79 -17.08 34.65
N ILE B 249 -3.48 -17.27 34.41
CA ILE B 249 -2.82 -16.88 33.12
C ILE B 249 -3.63 -17.62 32.07
N THR B 250 -4.06 -16.90 31.05
CA THR B 250 -5.04 -17.34 30.04
C THR B 250 -4.41 -17.37 28.66
N GLY B 251 -4.40 -18.54 28.03
CA GLY B 251 -3.98 -18.65 26.62
C GLY B 251 -2.48 -18.58 26.42
N LEU B 252 -1.69 -18.48 27.50
CA LEU B 252 -0.21 -18.40 27.47
C LEU B 252 0.35 -19.50 28.38
N TYR B 253 1.59 -19.93 28.13
CA TYR B 253 2.28 -21.01 28.89
C TYR B 253 3.65 -20.50 29.34
N PRO B 254 3.82 -20.19 30.63
CA PRO B 254 5.06 -19.61 31.10
C PRO B 254 6.23 -20.59 30.90
N THR B 255 7.42 -20.05 30.70
CA THR B 255 8.68 -20.84 30.61
C THR B 255 8.96 -21.45 31.98
N LEU B 256 9.69 -22.56 32.01
CA LEU B 256 10.12 -23.19 33.29
C LEU B 256 11.45 -22.57 33.75
N ASN B 257 12.34 -22.26 32.80
CA ASN B 257 13.68 -21.67 33.04
C ASN B 257 13.74 -20.30 32.36
N ILE B 258 14.04 -19.25 33.11
CA ILE B 258 14.15 -17.87 32.58
C ILE B 258 15.52 -17.32 32.98
N SER B 259 16.13 -16.51 32.14
CA SER B 259 17.41 -15.84 32.46
C SER B 259 17.19 -14.83 33.58
N ASP B 260 18.18 -14.59 34.43
CA ASP B 260 18.13 -13.57 35.51
C ASP B 260 18.21 -12.15 34.93
N GLU B 261 18.38 -12.03 33.62
CA GLU B 261 18.27 -10.74 32.91
C GLU B 261 16.81 -10.24 32.91
N PHE B 262 15.84 -11.14 32.95
CA PHE B 262 14.38 -10.86 32.88
C PHE B 262 13.60 -11.23 34.15
N SER B 263 14.28 -11.70 35.19
CA SER B 263 13.60 -12.18 36.42
C SER B 263 12.81 -11.04 37.06
N SER B 264 13.33 -9.82 37.06
CA SER B 264 12.67 -8.60 37.61
C SER B 264 11.27 -8.43 36.99
N ASN B 265 11.00 -8.94 35.79
CA ASN B 265 9.70 -8.66 35.13
C ASN B 265 8.75 -9.86 35.24
N VAL B 266 9.12 -10.92 35.95
CA VAL B 266 8.30 -12.18 35.91
C VAL B 266 6.91 -11.93 36.50
N ALA B 267 6.81 -11.17 37.60
CA ALA B 267 5.50 -10.89 38.22
C ALA B 267 4.70 -10.04 37.23
N ASN B 268 5.31 -9.03 36.59
CA ASN B 268 4.62 -8.20 35.57
C ASN B 268 4.14 -9.08 34.39
N TYR B 269 4.94 -10.05 33.94
CA TYR B 269 4.60 -10.90 32.77
C TYR B 269 3.41 -11.81 33.11
N GLN B 270 3.31 -12.23 34.38
CA GLN B 270 2.14 -13.01 34.87
C GLN B 270 0.91 -12.10 34.88
N LYS B 271 1.03 -10.88 35.36
CA LYS B 271 -0.12 -9.95 35.31
C LYS B 271 -0.54 -9.75 33.84
N VAL B 272 0.40 -9.68 32.89
CA VAL B 272 0.01 -9.53 31.45
C VAL B 272 -0.94 -10.67 31.07
N GLY B 273 -0.68 -11.89 31.56
CA GLY B 273 -1.45 -13.08 31.15
C GLY B 273 -2.78 -13.21 31.88
N MET B 274 -3.00 -12.40 32.92
CA MET B 274 -4.19 -12.48 33.82
C MET B 274 -5.18 -11.32 33.58
N GLN B 275 -5.02 -10.53 32.53
CA GLN B 275 -6.06 -9.55 32.14
C GLN B 275 -5.98 -9.33 30.62
N LYS B 276 -7.08 -8.84 30.02
CA LYS B 276 -7.22 -8.72 28.55
C LYS B 276 -6.19 -7.72 28.05
N TYR B 277 -6.06 -6.58 28.71
CA TYR B 277 -5.09 -5.55 28.33
C TYR B 277 -4.47 -5.01 29.60
N SER B 278 -3.21 -4.61 29.51
CA SER B 278 -2.43 -4.09 30.65
C SER B 278 -1.58 -2.90 30.17
N THR B 279 -1.31 -2.00 31.08
CA THR B 279 -0.58 -0.76 30.83
C THR B 279 0.72 -0.86 31.61
N LEU B 280 1.84 -0.54 30.95
CA LEU B 280 3.18 -0.44 31.60
C LEU B 280 3.70 0.98 31.42
N GLN B 281 3.86 1.71 32.51
CA GLN B 281 4.57 2.99 32.50
C GLN B 281 6.05 2.68 32.70
N GLY B 282 6.86 3.03 31.70
CA GLY B 282 8.31 2.85 31.82
C GLY B 282 8.99 4.21 31.73
N PRO B 283 9.37 4.83 32.84
CA PRO B 283 10.12 6.09 32.80
C PRO B 283 11.42 5.95 32.00
N PRO B 284 12.14 7.06 31.71
CA PRO B 284 13.40 6.99 30.98
C PRO B 284 14.46 6.05 31.55
N GLY B 285 14.98 5.12 30.74
CA GLY B 285 16.09 4.24 31.16
C GLY B 285 15.68 3.16 32.14
N THR B 286 14.40 2.77 32.16
CA THR B 286 13.90 1.79 33.16
C THR B 286 13.73 0.42 32.51
N GLY B 287 13.87 0.28 31.19
CA GLY B 287 13.93 -1.02 30.50
C GLY B 287 12.65 -1.42 29.76
N LYS B 288 12.07 -0.51 28.96
CA LYS B 288 10.80 -0.81 28.26
C LYS B 288 10.98 -1.89 27.18
N SER B 289 11.96 -1.73 26.28
CA SER B 289 12.23 -2.73 25.19
C SER B 289 12.70 -4.06 25.81
N HIS B 290 13.47 -4.03 26.89
CA HIS B 290 13.89 -5.25 27.62
C HIS B 290 12.64 -6.00 28.07
N PHE B 291 11.71 -5.27 28.70
CA PHE B 291 10.41 -5.82 29.19
C PHE B 291 9.72 -6.50 28.03
N ALA B 292 9.57 -5.78 26.95
CA ALA B 292 8.79 -6.21 25.78
C ALA B 292 9.38 -7.49 25.18
N ILE B 293 10.69 -7.49 24.93
CA ILE B 293 11.34 -8.69 24.33
C ILE B 293 11.28 -9.85 25.34
N GLY B 294 11.46 -9.57 26.64
CA GLY B 294 11.47 -10.60 27.70
C GLY B 294 10.16 -11.35 27.83
N LEU B 295 9.07 -10.71 27.42
CA LEU B 295 7.72 -11.30 27.40
C LEU B 295 7.71 -12.50 26.43
N ALA B 296 8.42 -12.43 25.30
CA ALA B 296 8.54 -13.57 24.34
C ALA B 296 9.32 -14.73 25.01
N LEU B 297 10.35 -14.39 25.77
CA LEU B 297 11.18 -15.41 26.46
C LEU B 297 10.35 -16.05 27.58
N TYR B 298 9.45 -15.29 28.21
CA TYR B 298 8.68 -15.83 29.37
C TYR B 298 7.52 -16.66 28.85
N TYR B 299 6.93 -16.30 27.71
CA TYR B 299 5.87 -17.08 27.02
C TYR B 299 6.41 -17.57 25.67
N PRO B 300 7.35 -18.57 25.67
CA PRO B 300 8.12 -18.92 24.49
C PRO B 300 7.31 -19.38 23.25
N SER B 301 6.12 -19.94 23.43
CA SER B 301 5.30 -20.44 22.30
C SER B 301 4.32 -19.35 21.80
N ALA B 302 4.14 -18.27 22.57
CA ALA B 302 3.20 -17.18 22.21
C ALA B 302 3.63 -16.53 20.90
N ARG B 303 2.66 -16.26 20.04
CA ARG B 303 2.84 -15.42 18.83
C ARG B 303 2.65 -13.97 19.25
N ILE B 304 3.68 -13.13 19.08
CA ILE B 304 3.65 -11.70 19.51
C ILE B 304 3.78 -10.82 18.29
N VAL B 305 2.84 -9.91 18.14
CA VAL B 305 2.95 -8.73 17.23
C VAL B 305 3.41 -7.54 18.08
N TYR B 306 4.54 -6.95 17.70
CA TYR B 306 5.16 -5.75 18.30
C TYR B 306 4.88 -4.58 17.37
N THR B 307 4.25 -3.52 17.88
CA THR B 307 3.78 -2.38 17.05
C THR B 307 4.12 -1.13 17.82
N ALA B 308 4.32 -0.06 17.07
CA ALA B 308 4.48 1.34 17.52
C ALA B 308 4.03 2.23 16.36
N CYS B 309 3.93 3.54 16.58
CA CYS B 309 3.49 4.50 15.53
C CYS B 309 4.65 4.70 14.54
N SER B 310 5.86 4.87 15.06
CA SER B 310 7.04 5.28 14.25
C SER B 310 7.90 4.07 13.86
N HIS B 311 8.45 4.12 12.65
CA HIS B 311 9.47 3.15 12.18
C HIS B 311 10.62 3.07 13.21
N ALA B 312 11.05 4.19 13.77
CA ALA B 312 12.14 4.22 14.77
C ALA B 312 11.80 3.29 15.93
N ALA B 313 10.59 3.40 16.51
CA ALA B 313 10.18 2.65 17.72
C ALA B 313 10.09 1.16 17.40
N VAL B 314 9.57 0.82 16.23
CA VAL B 314 9.50 -0.58 15.75
C VAL B 314 10.94 -1.11 15.60
N ASP B 315 11.83 -0.30 15.02
CA ASP B 315 13.23 -0.69 14.69
C ASP B 315 13.97 -0.96 16.00
N ALA B 316 13.79 -0.07 16.98
CA ALA B 316 14.36 -0.23 18.33
C ALA B 316 13.89 -1.55 18.96
N LEU B 317 12.62 -1.95 18.76
CA LEU B 317 12.15 -3.27 19.23
C LEU B 317 12.87 -4.40 18.47
N CYS B 318 13.06 -4.28 17.16
CA CYS B 318 13.74 -5.28 16.30
C CYS B 318 15.20 -5.43 16.75
N GLU B 319 15.86 -4.35 17.16
CA GLU B 319 17.27 -4.33 17.57
C GLU B 319 17.43 -5.16 18.83
N LYS B 320 16.52 -4.99 19.80
CA LYS B 320 16.47 -5.77 21.06
C LYS B 320 16.14 -7.23 20.71
N ALA B 321 15.19 -7.46 19.83
CA ALA B 321 14.81 -8.84 19.45
C ALA B 321 16.00 -9.54 18.81
N LEU B 322 16.80 -8.82 18.02
CA LEU B 322 17.89 -9.42 17.24
C LEU B 322 18.90 -10.04 18.22
N LYS B 323 19.03 -9.44 19.40
CA LYS B 323 19.89 -9.87 20.52
C LYS B 323 19.36 -11.13 21.22
N TYR B 324 18.06 -11.26 21.51
CA TYR B 324 17.55 -12.29 22.45
C TYR B 324 16.61 -13.31 21.80
N LEU B 325 16.10 -13.09 20.59
CA LEU B 325 15.07 -13.99 20.00
C LEU B 325 15.63 -14.65 18.74
N PRO B 326 15.10 -15.84 18.34
CA PRO B 326 15.54 -16.51 17.12
C PRO B 326 15.20 -15.73 15.84
N ILE B 327 16.23 -15.18 15.21
CA ILE B 327 16.11 -14.32 13.98
C ILE B 327 15.13 -14.96 12.98
N ASP B 328 15.13 -16.27 12.80
CA ASP B 328 14.28 -16.95 11.79
C ASP B 328 12.83 -17.07 12.29
N LYS B 329 12.51 -16.66 13.53
CA LYS B 329 11.11 -16.63 14.05
C LYS B 329 10.56 -15.20 13.99
N CYS B 330 11.31 -14.26 13.41
CA CYS B 330 11.01 -12.81 13.37
C CYS B 330 10.71 -12.37 11.92
N SER B 331 9.90 -11.31 11.75
CA SER B 331 9.60 -10.69 10.44
C SER B 331 9.30 -9.20 10.63
N ARG B 332 9.97 -8.33 9.87
CA ARG B 332 9.64 -6.89 9.79
C ARG B 332 8.65 -6.71 8.65
N ILE B 333 7.43 -6.24 8.95
CA ILE B 333 6.43 -5.76 7.94
C ILE B 333 6.81 -4.36 7.46
N ILE B 334 7.04 -4.22 6.14
CA ILE B 334 7.39 -2.94 5.45
C ILE B 334 6.41 -2.74 4.30
N PRO B 335 5.67 -1.62 4.28
CA PRO B 335 4.76 -1.32 3.17
C PRO B 335 5.61 -0.88 1.96
N ALA B 336 5.21 -1.25 0.74
CA ALA B 336 5.88 -0.86 -0.54
C ALA B 336 5.61 0.63 -0.82
N VAL B 340 11.49 5.05 2.85
CA VAL B 340 11.86 5.00 4.30
C VAL B 340 12.85 3.85 4.55
N GLU B 341 14.00 4.16 5.14
CA GLU B 341 15.04 3.13 5.46
C GLU B 341 14.83 2.64 6.88
N CYS B 342 14.34 1.40 7.02
CA CYS B 342 14.08 0.72 8.31
C CYS B 342 14.79 -0.64 8.36
N PHE B 343 14.57 -1.37 9.45
CA PHE B 343 15.24 -2.63 9.86
C PHE B 343 15.27 -3.63 8.71
N ASP B 344 16.46 -4.15 8.36
CA ASP B 344 16.62 -5.13 7.24
C ASP B 344 17.37 -6.39 7.71
N LYS B 345 17.25 -6.81 8.97
CA LYS B 345 17.91 -8.07 9.39
C LYS B 345 16.89 -9.21 9.52
N PHE B 346 15.59 -8.98 9.29
CA PHE B 346 14.54 -10.02 9.42
C PHE B 346 13.92 -10.27 8.05
N LYS B 347 13.37 -11.46 7.84
CA LYS B 347 12.63 -11.74 6.58
C LYS B 347 11.46 -10.73 6.51
N VAL B 348 11.27 -10.15 5.31
CA VAL B 348 10.40 -8.96 5.10
C VAL B 348 9.00 -9.45 4.71
N ASN B 349 7.97 -8.88 5.36
CA ASN B 349 6.53 -9.09 5.06
C ASN B 349 6.15 -10.57 5.15
N SER B 350 6.50 -11.23 6.26
CA SER B 350 6.10 -12.63 6.57
C SER B 350 5.14 -12.60 7.77
N THR B 351 3.87 -12.35 7.47
CA THR B 351 2.80 -12.06 8.45
C THR B 351 2.63 -13.24 9.41
N LEU B 352 3.02 -14.46 8.99
CA LEU B 352 2.79 -15.72 9.76
C LEU B 352 3.96 -16.10 10.67
N GLU B 353 5.03 -15.32 10.71
CA GLU B 353 6.16 -15.56 11.66
C GLU B 353 5.64 -15.46 13.10
N GLN B 354 6.36 -16.05 14.06
CA GLN B 354 5.97 -16.05 15.49
C GLN B 354 6.05 -14.62 16.04
N TYR B 355 7.05 -13.85 15.63
CA TYR B 355 7.28 -12.45 16.06
C TYR B 355 7.19 -11.52 14.85
N VAL B 356 6.21 -10.62 14.86
CA VAL B 356 5.96 -9.63 13.76
C VAL B 356 6.17 -8.23 14.30
N PHE B 357 7.03 -7.45 13.66
CA PHE B 357 7.42 -6.08 14.06
C PHE B 357 6.97 -5.17 12.90
N CYS B 358 6.11 -4.20 13.18
CA CYS B 358 5.28 -3.50 12.16
C CYS B 358 4.69 -2.22 12.75
N THR B 359 4.78 -1.09 12.01
CA THR B 359 4.17 0.20 12.40
C THR B 359 2.64 0.04 12.34
N VAL B 360 1.93 0.72 13.23
CA VAL B 360 0.43 0.72 13.28
C VAL B 360 -0.16 0.87 11.86
N ASN B 361 0.31 1.81 11.04
CA ASN B 361 -0.37 2.14 9.75
C ASN B 361 -0.15 1.02 8.73
N ALA B 362 0.85 0.15 8.89
CA ALA B 362 1.15 -0.98 7.97
C ALA B 362 0.61 -2.33 8.47
N LEU B 363 -0.06 -2.39 9.62
CA LEU B 363 -0.47 -3.67 10.25
C LEU B 363 -1.33 -4.47 9.28
N PRO B 364 -1.11 -5.78 9.18
CA PRO B 364 -2.07 -6.66 8.50
C PRO B 364 -3.22 -7.08 9.40
N GLU B 365 -4.26 -7.66 8.79
CA GLU B 365 -5.41 -8.27 9.51
C GLU B 365 -4.90 -9.62 10.01
N THR B 366 -4.78 -9.80 11.32
CA THR B 366 -4.21 -11.06 11.86
C THR B 366 -4.62 -11.23 13.32
N THR B 367 -4.28 -12.38 13.88
CA THR B 367 -4.49 -12.69 15.30
C THR B 367 -3.11 -12.86 15.93
N ALA B 368 -3.04 -12.77 17.25
CA ALA B 368 -1.80 -12.95 18.02
C ALA B 368 -2.18 -13.35 19.43
N ASP B 369 -1.24 -13.97 20.14
CA ASP B 369 -1.40 -14.31 21.56
C ASP B 369 -1.21 -13.02 22.34
N ILE B 370 -0.21 -12.22 21.98
CA ILE B 370 0.09 -10.92 22.69
C ILE B 370 0.38 -9.87 21.61
N VAL B 371 -0.28 -8.74 21.71
CA VAL B 371 0.09 -7.49 20.97
C VAL B 371 0.77 -6.57 21.98
N VAL B 372 2.00 -6.18 21.67
CA VAL B 372 2.78 -5.19 22.47
C VAL B 372 2.78 -3.96 21.61
N PHE B 373 2.18 -2.87 22.10
CA PHE B 373 2.09 -1.54 21.46
C PHE B 373 2.98 -0.65 22.32
N ASP B 374 4.12 -0.22 21.77
CA ASP B 374 5.15 0.58 22.48
C ASP B 374 5.01 2.06 22.10
N GLU B 375 5.69 2.89 22.87
CA GLU B 375 5.70 4.36 22.84
C GLU B 375 4.24 4.86 22.79
N ILE B 376 3.46 4.51 23.82
CA ILE B 376 1.99 4.74 23.84
C ILE B 376 1.66 6.24 23.97
N SER B 377 2.50 7.06 24.63
CA SER B 377 2.30 8.53 24.73
C SER B 377 2.17 9.18 23.34
N MET B 378 2.76 8.58 22.29
CA MET B 378 2.86 9.14 20.91
C MET B 378 1.68 8.65 20.09
N ALA B 379 0.89 7.71 20.60
CA ALA B 379 -0.30 7.24 19.90
C ALA B 379 -1.44 8.23 20.13
N THR B 380 -2.28 8.27 19.14
CA THR B 380 -3.59 8.93 19.16
C THR B 380 -4.65 7.83 19.26
N ASN B 381 -5.89 8.25 19.50
CA ASN B 381 -7.05 7.33 19.55
C ASN B 381 -7.26 6.81 18.15
N TYR B 382 -6.85 7.53 17.12
CA TYR B 382 -6.94 6.98 15.75
C TYR B 382 -6.08 5.71 15.64
N ASP B 383 -4.82 5.80 16.07
CA ASP B 383 -3.86 4.67 16.10
C ASP B 383 -4.42 3.55 16.95
N LEU B 384 -4.90 3.87 18.16
CA LEU B 384 -5.43 2.86 19.11
C LEU B 384 -6.52 2.03 18.44
N SER B 385 -7.41 2.69 17.71
CA SER B 385 -8.57 2.00 17.10
C SER B 385 -8.07 1.12 15.94
N VAL B 386 -7.22 1.66 15.05
CA VAL B 386 -6.62 0.83 13.96
C VAL B 386 -6.05 -0.46 14.55
N VAL B 387 -5.32 -0.38 15.66
CA VAL B 387 -4.65 -1.62 16.16
C VAL B 387 -5.75 -2.63 16.48
N ASN B 388 -6.83 -2.15 17.12
CA ASN B 388 -7.92 -3.02 17.62
C ASN B 388 -8.66 -3.62 16.44
N ALA B 389 -8.73 -2.93 15.31
CA ALA B 389 -9.39 -3.38 14.07
C ALA B 389 -8.51 -4.34 13.28
N ARG B 390 -7.19 -4.11 13.25
CA ARG B 390 -6.25 -4.98 12.48
C ARG B 390 -5.94 -6.26 13.28
N LEU B 391 -5.76 -6.21 14.61
CA LEU B 391 -5.22 -7.34 15.45
C LEU B 391 -6.23 -7.86 16.45
N ARG B 392 -6.59 -9.14 16.35
CA ARG B 392 -7.47 -9.83 17.32
C ARG B 392 -6.56 -10.68 18.23
N ALA B 393 -6.37 -10.26 19.48
CA ALA B 393 -5.34 -10.79 20.39
C ALA B 393 -5.95 -11.28 21.72
N LYS B 394 -5.34 -12.29 22.35
CA LYS B 394 -5.77 -12.75 23.70
C LYS B 394 -5.36 -11.66 24.68
N HIS B 395 -4.26 -10.96 24.43
CA HIS B 395 -3.69 -9.99 25.39
C HIS B 395 -3.10 -8.81 24.64
N TYR B 396 -3.35 -7.62 25.16
CA TYR B 396 -2.82 -6.35 24.64
C TYR B 396 -1.98 -5.80 25.77
N VAL B 397 -0.74 -5.39 25.46
CA VAL B 397 0.14 -4.67 26.43
C VAL B 397 0.52 -3.33 25.79
N TYR B 398 0.24 -2.23 26.48
CA TYR B 398 0.49 -0.84 26.06
C TYR B 398 1.64 -0.34 26.90
N ILE B 399 2.75 0.01 26.27
CA ILE B 399 4.01 0.36 26.97
C ILE B 399 4.36 1.80 26.60
N GLY B 400 4.60 2.62 27.58
CA GLY B 400 5.08 3.97 27.33
C GLY B 400 5.18 4.70 28.64
N ASP B 401 5.00 6.01 28.58
CA ASP B 401 5.15 6.92 29.74
C ASP B 401 4.32 8.17 29.45
N PRO B 402 3.15 8.37 30.11
CA PRO B 402 2.40 9.60 29.94
C PRO B 402 3.11 10.85 30.46
N ALA B 403 4.30 10.70 31.04
CA ALA B 403 5.17 11.82 31.49
C ALA B 403 6.15 12.21 30.40
N GLN B 404 6.03 11.57 29.24
CA GLN B 404 6.90 11.91 28.08
C GLN B 404 6.07 12.65 27.01
N LEU B 405 6.60 12.81 25.80
CA LEU B 405 5.99 13.67 24.78
C LEU B 405 4.90 12.92 24.03
N PRO B 406 3.77 13.61 23.75
CA PRO B 406 2.72 13.07 22.91
C PRO B 406 2.94 13.35 21.41
N ALA B 407 2.16 12.72 20.55
CA ALA B 407 2.12 13.05 19.11
C ALA B 407 1.92 14.55 19.01
N PRO B 408 2.68 15.26 18.16
CA PRO B 408 2.42 16.67 17.92
C PRO B 408 0.99 16.82 17.40
N ARG B 409 0.26 17.80 17.91
CA ARG B 409 -1.09 18.13 17.41
C ARG B 409 -0.95 19.43 16.63
N THR B 410 -0.65 19.31 15.34
CA THR B 410 -0.24 20.43 14.44
C THR B 410 -1.31 21.51 14.44
N LEU B 411 -2.57 21.20 14.77
CA LEU B 411 -3.66 22.22 14.72
C LEU B 411 -3.76 22.93 16.06
N LEU B 412 -3.20 22.35 17.12
CA LEU B 412 -3.43 22.84 18.51
C LEU B 412 -2.45 23.98 18.79
N THR B 413 -2.97 25.19 18.96
CA THR B 413 -2.17 26.43 19.16
C THR B 413 -2.59 27.15 20.45
N LYS B 414 -3.68 26.76 21.10
CA LYS B 414 -4.24 27.48 22.27
C LYS B 414 -4.53 26.47 23.39
N GLY B 415 -3.89 26.65 24.56
CA GLY B 415 -4.10 25.81 25.75
C GLY B 415 -3.09 24.68 25.76
N THR B 416 -2.87 24.04 26.91
CA THR B 416 -1.90 22.91 27.04
C THR B 416 -2.71 21.62 27.18
N LEU B 417 -2.34 20.57 26.44
CA LEU B 417 -2.94 19.23 26.55
C LEU B 417 -2.30 18.44 27.69
N GLU B 418 -3.03 18.13 28.76
CA GLU B 418 -2.50 17.32 29.88
C GLU B 418 -2.40 15.85 29.48
N PRO B 419 -1.47 15.05 30.07
CA PRO B 419 -1.27 13.66 29.67
C PRO B 419 -2.54 12.79 29.65
N GLU B 420 -3.43 12.99 30.62
CA GLU B 420 -4.71 12.23 30.71
C GLU B 420 -5.57 12.46 29.47
N TYR B 421 -5.18 13.31 28.52
CA TYR B 421 -6.00 13.57 27.30
C TYR B 421 -5.26 13.18 26.02
N PHE B 422 -4.05 12.62 26.13
CA PHE B 422 -3.20 12.17 25.00
C PHE B 422 -3.91 11.07 24.22
N ASN B 423 -4.48 10.09 24.91
CA ASN B 423 -5.28 8.99 24.30
C ASN B 423 -5.96 8.23 25.44
N SER B 424 -6.81 7.24 25.12
CA SER B 424 -7.55 6.39 26.08
C SER B 424 -6.56 5.69 27.02
N VAL B 425 -5.44 5.18 26.49
CA VAL B 425 -4.46 4.44 27.33
C VAL B 425 -3.87 5.41 28.36
N CYS B 426 -3.39 6.57 27.95
CA CYS B 426 -2.76 7.51 28.92
C CYS B 426 -3.82 8.00 29.90
N ARG B 427 -5.08 8.07 29.47
CA ARG B 427 -6.19 8.52 30.33
C ARG B 427 -6.31 7.50 31.49
N LEU B 428 -6.37 6.22 31.19
CA LEU B 428 -6.36 5.17 32.24
C LEU B 428 -5.14 5.33 33.15
N MET B 429 -3.94 5.51 32.59
CA MET B 429 -2.68 5.52 33.37
C MET B 429 -2.68 6.70 34.32
N LYS B 430 -3.33 7.80 33.95
CA LYS B 430 -3.34 9.05 34.75
C LYS B 430 -4.53 9.03 35.75
N THR B 431 -5.61 8.30 35.45
CA THR B 431 -6.83 8.28 36.31
C THR B 431 -6.78 7.12 37.30
N ILE B 432 -6.73 5.87 36.86
CA ILE B 432 -6.69 4.67 37.76
C ILE B 432 -5.25 4.23 37.98
N GLY B 433 -4.28 4.80 37.26
CA GLY B 433 -2.87 4.43 37.39
C GLY B 433 -2.50 3.29 36.43
N PRO B 434 -1.20 3.05 36.20
CA PRO B 434 -0.80 1.97 35.29
C PRO B 434 -0.89 0.59 35.95
N ASP B 435 -1.14 -0.46 35.16
CA ASP B 435 -1.12 -1.83 35.73
C ASP B 435 0.29 -2.17 36.25
N MET B 436 1.33 -1.67 35.59
CA MET B 436 2.73 -2.00 35.95
C MET B 436 3.61 -0.77 35.78
N PHE B 437 4.68 -0.70 36.55
CA PHE B 437 5.59 0.44 36.64
C PHE B 437 7.02 -0.08 36.76
N LEU B 438 7.88 0.30 35.82
CA LEU B 438 9.35 0.03 35.91
C LEU B 438 9.93 1.13 36.78
N GLY B 439 10.31 0.80 38.02
CA GLY B 439 10.56 1.80 39.07
C GLY B 439 12.02 2.19 39.18
N THR B 440 12.91 1.60 38.39
CA THR B 440 14.35 1.89 38.62
C THR B 440 15.00 2.38 37.35
N CYS B 441 15.51 3.59 37.42
CA CYS B 441 16.13 4.28 36.26
C CYS B 441 17.62 3.91 36.28
N ARG B 442 18.10 3.25 35.22
CA ARG B 442 19.48 2.73 35.11
C ARG B 442 20.35 3.75 34.36
N ARG B 443 19.76 4.75 33.72
CA ARG B 443 20.60 5.61 32.84
C ARG B 443 21.08 6.91 33.46
N CYS B 444 20.33 7.49 34.39
CA CYS B 444 20.62 8.89 34.76
C CYS B 444 21.30 8.98 36.13
N PRO B 445 22.17 10.01 36.31
CA PRO B 445 22.66 10.36 37.63
C PRO B 445 21.49 10.61 38.59
N ALA B 446 21.68 10.30 39.86
CA ALA B 446 20.63 10.40 40.89
C ALA B 446 20.03 11.81 40.93
N GLU B 447 20.78 12.87 40.63
CA GLU B 447 20.24 14.27 40.76
C GLU B 447 19.11 14.47 39.73
N ILE B 448 19.24 13.88 38.54
CA ILE B 448 18.23 13.92 37.46
C ILE B 448 17.06 13.01 37.86
N VAL B 449 17.33 11.84 38.44
CA VAL B 449 16.27 10.85 38.77
C VAL B 449 15.43 11.45 39.90
N ASP B 450 16.08 12.00 40.92
CA ASP B 450 15.37 12.60 42.07
C ASP B 450 14.46 13.72 41.54
N THR B 451 14.96 14.52 40.59
CA THR B 451 14.24 15.70 40.05
C THR B 451 12.96 15.25 39.37
N VAL B 452 13.05 14.31 38.42
CA VAL B 452 11.88 13.93 37.59
C VAL B 452 10.99 13.01 38.43
N SER B 453 11.57 12.22 39.33
CA SER B 453 10.77 11.42 40.29
C SER B 453 9.76 12.31 41.01
N ALA B 454 10.19 13.43 41.59
CA ALA B 454 9.30 14.38 42.27
C ALA B 454 8.41 15.08 41.23
N LEU B 455 8.99 15.49 40.10
CA LEU B 455 8.30 16.39 39.14
C LEU B 455 7.09 15.67 38.53
N VAL B 456 7.20 14.40 38.12
CA VAL B 456 6.16 13.79 37.25
C VAL B 456 5.82 12.35 37.64
N TYR B 457 6.56 11.73 38.58
CA TYR B 457 6.38 10.29 38.92
C TYR B 457 5.93 10.08 40.37
N ASP B 458 5.43 11.09 41.09
CA ASP B 458 4.94 10.91 42.49
C ASP B 458 6.01 10.22 43.34
N ASN B 459 7.29 10.54 43.14
CA ASN B 459 8.42 10.14 44.01
C ASN B 459 8.62 8.63 43.94
N LYS B 460 8.10 7.97 42.90
CA LYS B 460 8.15 6.49 42.79
C LYS B 460 9.31 6.05 41.91
N LEU B 461 10.02 6.97 41.25
CA LEU B 461 11.14 6.57 40.36
C LEU B 461 12.43 6.54 41.18
N LYS B 462 13.16 5.42 41.17
CA LYS B 462 14.39 5.20 41.99
C LYS B 462 15.63 5.24 41.08
N ALA B 463 16.73 5.79 41.59
CA ALA B 463 18.02 5.89 40.90
C ALA B 463 18.82 4.60 41.10
N HIS B 464 19.32 4.02 40.03
CA HIS B 464 20.33 2.94 40.09
C HIS B 464 21.70 3.56 40.36
N LYS B 465 22.09 4.58 39.60
CA LYS B 465 23.42 5.25 39.71
C LYS B 465 23.41 6.12 40.97
N ASP B 466 24.60 6.45 41.47
CA ASP B 466 24.80 7.48 42.52
C ASP B 466 24.64 8.87 41.89
N LYS B 467 24.71 9.91 42.72
CA LYS B 467 24.93 11.30 42.23
C LYS B 467 26.23 11.29 41.40
N SER B 468 26.26 12.08 40.32
CA SER B 468 27.44 12.26 39.44
C SER B 468 28.23 13.49 39.90
N ALA B 469 27.58 14.42 40.57
CA ALA B 469 28.11 15.77 40.89
C ALA B 469 28.46 16.54 39.60
N GLN B 470 27.92 16.12 38.47
CA GLN B 470 28.14 16.85 37.20
C GLN B 470 26.78 17.33 36.64
N CYS B 471 25.84 17.69 37.52
CA CYS B 471 24.50 18.20 37.17
C CYS B 471 24.41 19.65 37.65
N PHE B 472 24.37 20.61 36.74
CA PHE B 472 24.47 22.04 37.08
C PHE B 472 23.26 22.77 36.53
N LYS B 473 22.88 23.86 37.19
CA LYS B 473 21.79 24.76 36.75
C LYS B 473 22.27 26.21 36.89
N MET B 474 21.88 27.05 35.92
N MET B 474 21.83 27.05 35.95
CA MET B 474 22.07 28.52 35.98
CA MET B 474 22.09 28.51 35.90
C MET B 474 20.76 29.18 35.61
C MET B 474 20.79 29.22 35.56
N PHE B 475 20.42 30.25 36.33
CA PHE B 475 19.21 31.06 36.11
C PHE B 475 19.67 32.29 35.33
N TYR B 476 19.28 32.36 34.06
CA TYR B 476 19.70 33.41 33.12
C TYR B 476 18.62 33.54 32.05
N LYS B 477 17.96 34.70 32.00
CA LYS B 477 16.83 34.96 31.07
C LYS B 477 17.38 35.44 29.74
N GLY B 478 18.52 36.12 29.79
CA GLY B 478 19.21 36.57 28.58
C GLY B 478 18.30 37.44 27.74
N VAL B 479 18.23 37.18 26.45
CA VAL B 479 17.52 38.02 25.45
C VAL B 479 16.87 37.03 24.48
N ILE B 480 15.57 37.17 24.25
CA ILE B 480 14.80 36.33 23.29
C ILE B 480 14.54 37.13 22.01
N THR B 481 14.97 36.59 20.88
CA THR B 481 14.62 37.05 19.52
C THR B 481 13.72 35.97 18.93
N HIS B 482 12.83 36.37 18.03
CA HIS B 482 11.86 35.49 17.35
C HIS B 482 12.14 35.56 15.86
N ASP B 483 12.07 34.44 15.17
CA ASP B 483 11.93 34.45 13.69
C ASP B 483 10.51 33.95 13.38
N VAL B 484 10.29 33.42 12.17
CA VAL B 484 8.93 33.21 11.62
C VAL B 484 8.16 32.18 12.46
N SER B 485 8.81 31.14 13.01
CA SER B 485 8.11 30.09 13.81
C SER B 485 8.95 29.54 14.98
N SER B 486 10.00 30.24 15.43
CA SER B 486 10.93 29.68 16.45
C SER B 486 11.50 30.84 17.29
N ALA B 487 12.25 30.50 18.33
CA ALA B 487 12.87 31.43 19.30
C ALA B 487 14.38 31.15 19.38
N ILE B 488 15.12 32.18 19.74
CA ILE B 488 16.60 32.18 19.83
C ILE B 488 16.95 32.97 21.09
N ASN B 489 17.95 32.48 21.83
CA ASN B 489 18.48 33.19 23.02
C ASN B 489 20.01 33.18 22.96
N ARG B 490 20.58 34.12 22.20
CA ARG B 490 22.05 34.21 21.98
C ARG B 490 22.76 34.32 23.31
N PRO B 491 22.36 35.18 24.27
CA PRO B 491 23.08 35.23 25.54
C PRO B 491 23.14 33.88 26.28
N GLN B 492 22.12 33.03 26.17
CA GLN B 492 22.10 31.69 26.86
C GLN B 492 23.16 30.82 26.20
N ILE B 493 23.35 30.94 24.88
CA ILE B 493 24.43 30.26 24.13
C ILE B 493 25.78 30.87 24.54
N GLY B 494 25.87 32.19 24.65
CA GLY B 494 27.10 32.84 25.14
C GLY B 494 27.49 32.26 26.50
N VAL B 495 26.53 32.05 27.37
CA VAL B 495 26.84 31.52 28.73
C VAL B 495 27.45 30.11 28.54
N VAL B 496 26.88 29.32 27.62
CA VAL B 496 27.38 27.95 27.38
C VAL B 496 28.80 28.04 26.82
N ARG B 497 29.05 28.97 25.89
CA ARG B 497 30.38 29.16 25.27
C ARG B 497 31.39 29.45 26.38
N GLU B 498 31.09 30.38 27.29
CA GLU B 498 31.96 30.68 28.45
C GLU B 498 32.17 29.42 29.29
N PHE B 499 31.12 28.68 29.63
CA PHE B 499 31.22 27.43 30.42
C PHE B 499 32.14 26.42 29.74
N LEU B 500 32.03 26.25 28.43
CA LEU B 500 32.83 25.25 27.68
C LEU B 500 34.30 25.67 27.71
N THR B 501 34.62 26.98 27.66
CA THR B 501 36.03 27.43 27.66
C THR B 501 36.65 27.09 29.01
N ARG B 502 35.86 27.09 30.08
CA ARG B 502 36.31 26.72 31.45
C ARG B 502 36.13 25.22 31.75
N ASN B 503 35.42 24.45 30.93
CA ASN B 503 35.07 23.02 31.18
C ASN B 503 35.13 22.29 29.85
N PRO B 504 36.29 22.34 29.16
CA PRO B 504 36.46 21.71 27.84
C PRO B 504 36.13 20.21 27.77
N ALA B 505 36.12 19.46 28.88
CA ALA B 505 35.59 18.07 28.93
C ALA B 505 34.16 18.03 28.35
N TRP B 506 33.39 19.11 28.55
CA TRP B 506 31.94 19.17 28.17
C TRP B 506 31.78 19.40 26.67
N ARG B 507 32.87 19.50 25.90
CA ARG B 507 32.85 19.64 24.42
C ARG B 507 32.40 18.32 23.83
N LYS B 508 32.21 17.28 24.62
CA LYS B 508 31.60 16.01 24.11
C LYS B 508 30.06 16.02 24.30
N ALA B 509 29.50 17.05 24.93
CA ALA B 509 28.05 17.18 25.20
C ALA B 509 27.22 17.30 23.92
N VAL B 510 25.98 16.81 24.00
CA VAL B 510 24.91 17.15 23.04
C VAL B 510 24.20 18.41 23.53
N PHE B 511 23.91 19.33 22.61
CA PHE B 511 23.15 20.57 22.88
C PHE B 511 21.66 20.34 22.62
N ILE B 512 20.83 20.59 23.62
CA ILE B 512 19.35 20.41 23.50
C ILE B 512 18.68 21.74 23.82
N SER B 513 17.62 22.08 23.07
CA SER B 513 16.73 23.21 23.39
C SER B 513 15.33 22.93 22.87
N PRO B 514 14.31 23.68 23.31
CA PRO B 514 12.96 23.51 22.81
C PRO B 514 12.74 24.07 21.41
N TYR B 515 13.74 24.70 20.76
CA TYR B 515 13.56 25.42 19.47
C TYR B 515 14.66 25.06 18.48
N ASN B 516 14.28 24.73 17.26
CA ASN B 516 15.23 24.41 16.16
C ASN B 516 16.06 25.66 15.76
N SER B 517 15.53 26.87 15.83
CA SER B 517 16.33 28.08 15.57
C SER B 517 17.41 28.22 16.62
N GLN B 518 17.08 28.11 17.90
CA GLN B 518 18.10 28.12 18.98
C GLN B 518 19.18 27.09 18.66
N ASN B 519 18.79 25.88 18.26
CA ASN B 519 19.71 24.74 17.97
C ASN B 519 20.64 25.13 16.80
N ALA B 520 20.09 25.79 15.76
CA ALA B 520 20.83 26.16 14.53
C ALA B 520 21.89 27.20 14.85
N VAL B 521 21.58 28.13 15.77
CA VAL B 521 22.57 29.14 16.25
C VAL B 521 23.60 28.44 17.14
N ALA B 522 23.18 27.57 18.06
CA ALA B 522 24.11 26.82 18.97
C ALA B 522 25.11 26.00 18.13
N SER B 523 24.67 25.38 17.03
CA SER B 523 25.50 24.53 16.17
C SER B 523 26.70 25.33 15.61
N LYS B 524 26.41 26.51 15.09
CA LYS B 524 27.43 27.39 14.44
C LYS B 524 28.35 27.94 15.54
N ILE B 525 27.83 28.38 16.68
CA ILE B 525 28.64 29.07 17.72
C ILE B 525 29.44 28.05 18.57
N LEU B 526 28.87 26.89 18.88
CA LEU B 526 29.44 25.96 19.88
C LEU B 526 30.07 24.75 19.17
N GLY B 527 29.53 24.32 18.05
CA GLY B 527 29.98 23.11 17.34
C GLY B 527 29.53 21.83 18.04
N LEU B 528 28.67 21.89 19.02
CA LEU B 528 28.11 20.64 19.61
C LEU B 528 27.07 20.07 18.65
N PRO B 529 26.89 18.74 18.64
CA PRO B 529 25.68 18.15 18.06
C PRO B 529 24.44 18.74 18.79
N THR B 530 23.37 19.02 18.04
CA THR B 530 22.10 19.58 18.60
C THR B 530 20.93 18.62 18.36
N GLN B 531 19.94 18.66 19.25
CA GLN B 531 18.65 17.94 19.16
C GLN B 531 17.57 18.86 19.71
N THR B 532 16.38 18.86 19.14
CA THR B 532 15.22 19.45 19.85
C THR B 532 14.88 18.42 20.91
N VAL B 533 14.20 18.82 21.96
CA VAL B 533 13.76 17.86 23.00
C VAL B 533 12.96 16.76 22.30
N ASP B 534 12.03 17.19 21.44
CA ASP B 534 11.07 16.31 20.72
C ASP B 534 11.87 15.29 19.88
N SER B 535 13.05 15.64 19.34
CA SER B 535 13.84 14.72 18.47
C SER B 535 14.84 13.90 19.29
N SER B 536 14.97 14.17 20.59
CA SER B 536 15.91 13.48 21.52
C SER B 536 15.21 12.33 22.27
N GLN B 537 13.88 12.34 22.34
CA GLN B 537 13.12 11.26 23.01
C GLN B 537 13.55 9.90 22.46
N GLY B 538 13.94 8.97 23.34
CA GLY B 538 14.39 7.63 22.91
C GLY B 538 15.90 7.55 22.81
N SER B 539 16.59 8.68 22.96
CA SER B 539 18.07 8.71 22.86
C SER B 539 18.71 8.96 24.24
N GLU B 540 19.99 8.68 24.35
CA GLU B 540 20.72 9.04 25.57
C GLU B 540 22.09 9.52 25.15
N TYR B 541 22.68 10.38 25.98
CA TYR B 541 24.04 10.92 25.80
C TYR B 541 24.68 11.11 27.19
N ASP B 542 26.02 11.04 27.25
CA ASP B 542 26.81 11.14 28.50
C ASP B 542 26.54 12.51 29.11
N TYR B 543 26.65 13.52 28.26
CA TYR B 543 26.61 14.95 28.67
C TYR B 543 25.62 15.71 27.81
N VAL B 544 24.81 16.52 28.47
CA VAL B 544 23.68 17.27 27.87
C VAL B 544 23.86 18.71 28.34
N ILE B 545 23.83 19.63 27.40
CA ILE B 545 23.72 21.08 27.73
C ILE B 545 22.37 21.55 27.18
N PHE B 546 21.51 22.02 28.08
CA PHE B 546 20.13 22.42 27.78
C PHE B 546 20.00 23.92 28.01
N THR B 547 19.58 24.66 26.98
CA THR B 547 19.13 26.05 27.14
C THR B 547 17.60 26.09 27.00
N GLN B 548 16.92 26.58 28.02
CA GLN B 548 15.45 26.69 27.97
C GLN B 548 15.01 27.67 26.87
N THR B 549 15.83 28.71 26.57
CA THR B 549 15.59 29.71 25.50
C THR B 549 14.48 30.71 25.87
N THR B 550 13.27 30.23 26.21
CA THR B 550 12.13 31.09 26.65
C THR B 550 11.48 30.50 27.92
N GLU B 551 10.47 31.20 28.44
CA GLU B 551 9.58 30.82 29.58
C GLU B 551 8.14 30.50 29.14
N THR B 552 7.91 30.24 27.85
CA THR B 552 6.58 29.96 27.25
C THR B 552 5.98 28.67 27.84
N ALA B 553 4.71 28.37 27.54
CA ALA B 553 4.09 27.07 27.88
C ALA B 553 4.88 25.95 27.19
N HIS B 554 5.29 26.16 25.94
CA HIS B 554 6.10 25.16 25.20
C HIS B 554 7.39 24.82 25.96
N SER B 555 8.14 25.83 26.40
CA SER B 555 9.49 25.64 26.96
C SER B 555 9.39 25.21 28.44
N CYS B 556 8.24 25.43 29.11
CA CYS B 556 8.04 25.02 30.54
C CYS B 556 7.20 23.75 30.66
N ASN B 557 6.87 23.12 29.55
CA ASN B 557 5.99 21.91 29.59
C ASN B 557 6.72 20.84 30.41
N VAL B 558 6.07 20.26 31.43
CA VAL B 558 6.80 19.38 32.37
C VAL B 558 7.16 18.09 31.65
N ASN B 559 6.37 17.63 30.70
CA ASN B 559 6.68 16.40 29.92
C ASN B 559 7.95 16.61 29.10
N ARG B 560 8.06 17.78 28.47
CA ARG B 560 9.16 18.14 27.56
C ARG B 560 10.42 18.29 28.41
N PHE B 561 10.29 18.90 29.57
CA PHE B 561 11.40 19.14 30.49
C PHE B 561 11.96 17.79 30.97
N ASN B 562 11.05 16.87 31.33
CA ASN B 562 11.30 15.50 31.82
C ASN B 562 12.17 14.76 30.80
N VAL B 563 11.77 14.79 29.53
CA VAL B 563 12.49 14.15 28.40
C VAL B 563 13.85 14.83 28.21
N ALA B 564 13.87 16.16 28.22
CA ALA B 564 15.11 16.94 27.98
C ALA B 564 16.20 16.44 28.93
N ILE B 565 15.96 16.48 30.25
CA ILE B 565 17.02 16.29 31.28
C ILE B 565 17.34 14.81 31.48
N THR B 566 16.44 13.88 31.14
CA THR B 566 16.65 12.41 31.29
C THR B 566 17.39 11.86 30.07
N ARG B 567 17.96 12.70 29.21
CA ARG B 567 18.78 12.15 28.09
C ARG B 567 20.21 11.99 28.59
N ALA B 568 20.48 12.41 29.82
CA ALA B 568 21.87 12.47 30.35
C ALA B 568 22.20 11.18 31.12
N LYS B 569 23.32 10.55 30.78
CA LYS B 569 23.88 9.38 31.51
C LYS B 569 24.78 9.83 32.66
N VAL B 570 25.50 10.95 32.52
CA VAL B 570 26.57 11.36 33.46
C VAL B 570 26.34 12.79 33.94
N GLY B 571 26.35 13.78 33.02
CA GLY B 571 26.27 15.19 33.42
C GLY B 571 25.26 15.97 32.58
N ILE B 572 24.74 17.05 33.13
CA ILE B 572 23.85 18.01 32.42
C ILE B 572 24.14 19.41 32.94
N LEU B 573 24.12 20.38 32.04
CA LEU B 573 24.10 21.83 32.36
C LEU B 573 22.74 22.36 31.89
N CYS B 574 21.91 22.87 32.80
CA CYS B 574 20.64 23.54 32.36
C CYS B 574 20.75 25.06 32.47
N ILE B 575 20.69 25.80 31.35
CA ILE B 575 20.55 27.28 31.40
C ILE B 575 19.04 27.54 31.38
N MET B 576 18.46 27.97 32.50
CA MET B 576 16.99 28.10 32.70
C MET B 576 16.51 29.56 32.56
N SER B 577 15.33 29.74 32.00
CA SER B 577 14.57 31.01 31.90
C SER B 577 13.50 31.06 33.00
N ASP B 578 12.89 29.90 33.31
CA ASP B 578 11.74 29.74 34.22
C ASP B 578 12.22 29.57 35.66
N ARG B 579 11.79 30.43 36.56
CA ARG B 579 12.15 30.33 38.00
C ARG B 579 11.61 29.02 38.59
N ASP B 580 10.38 28.64 38.22
CA ASP B 580 9.68 27.45 38.77
C ASP B 580 10.54 26.21 38.51
N LEU B 581 10.74 25.83 37.24
CA LEU B 581 11.51 24.61 36.91
C LEU B 581 12.94 24.73 37.44
N TYR B 582 13.58 25.90 37.37
CA TYR B 582 14.92 26.09 37.95
C TYR B 582 14.89 25.59 39.40
N ASP B 583 13.95 26.06 40.21
CA ASP B 583 13.88 25.77 41.67
C ASP B 583 13.57 24.28 41.87
N LYS B 584 13.01 23.63 40.85
CA LYS B 584 12.66 22.18 40.91
C LYS B 584 13.88 21.30 40.56
N LEU B 585 14.90 21.86 39.95
CA LEU B 585 16.12 21.10 39.56
C LEU B 585 16.99 20.88 40.80
N GLN B 586 17.16 19.63 41.20
CA GLN B 586 18.00 19.24 42.37
C GLN B 586 19.46 19.16 41.91
N PHE B 587 19.97 20.26 41.36
CA PHE B 587 21.29 20.34 40.73
C PHE B 587 22.06 21.41 41.49
N THR B 588 23.35 21.48 41.24
CA THR B 588 24.27 22.50 41.79
C THR B 588 24.06 23.78 41.00
N SER B 589 23.82 24.91 41.66
CA SER B 589 23.66 26.22 41.00
C SER B 589 25.04 26.80 40.70
N LEU B 590 25.18 27.46 39.55
CA LEU B 590 26.43 28.11 39.08
C LEU B 590 26.16 29.60 38.97
N GLU B 591 27.11 30.45 39.38
CA GLU B 591 27.03 31.93 39.24
C GLU B 591 27.18 32.27 37.76
N ILE B 592 26.57 33.38 37.33
CA ILE B 592 26.62 33.93 35.93
C ILE B 592 27.94 34.68 35.73
N PRO B 593 28.83 34.26 34.80
CA PRO B 593 30.02 35.03 34.47
C PRO B 593 29.76 36.18 33.49
#